data_6S2H
#
_entry.id   6S2H
#
_cell.length_a   74.715
_cell.length_b   204.743
_cell.length_c   147.270
_cell.angle_alpha   90.00
_cell.angle_beta   90.00
_cell.angle_gamma   90.00
#
_symmetry.space_group_name_H-M   'P 21 21 2'
#
loop_
_entity.id
_entity.type
_entity.pdbx_description
1 polymer Beta-fructofuranosidase
2 branched alpha-D-mannopyranose-(1-2)-alpha-D-mannopyranose-(1-3)-[alpha-D-mannopyranose-(1-3)-alpha-D-mannopyranose-(1-6)]beta-D-mannopyranose-(1-4)-2-acetamido-2-deoxy-beta-D-glucopyranose-(1-4)-2-acetamido-2-deoxy-beta-D-glucopyranose
3 branched alpha-D-mannopyranose-(1-2)-alpha-D-mannopyranose-(1-2)-alpha-D-mannopyranose-(1-3)-[alpha-D-mannopyranose-(1-2)-alpha-D-mannopyranose-(1-6)-[alpha-D-mannopyranose-(1-3)]alpha-D-mannopyranose-(1-6)]beta-D-mannopyranose-(1-4)-2-acetamido-2-deoxy-beta-D-glucopyranose-(1-4)-2-acetamido-2-deoxy-beta-D-glucopyranose
4 branched 2-acetamido-2-deoxy-beta-D-glucopyranose-(1-4)-2-acetamido-2-deoxy-beta-D-glucopyranose
5 branched alpha-D-mannopyranose-(1-3)-alpha-D-mannopyranose-(1-6)-[alpha-D-mannopyranose-(1-3)]beta-D-mannopyranose-(1-4)-2-acetamido-2-deoxy-beta-D-glucopyranose-(1-4)-2-acetamido-2-deoxy-beta-D-glucopyranose
6 non-polymer beta-D-fructofuranose
7 non-polymer 1,2-ETHANEDIOL
8 non-polymer CATECHOL
9 non-polymer 2-acetamido-2-deoxy-beta-D-glucopyranose
10 water water
#
_entity_poly.entity_id   1
_entity_poly.type   'polypeptide(L)'
_entity_poly.pdbx_seq_one_letter_code
;MVAPLLKTLPFLAAAYAAELDLPNFSALNRRQDNSTSSSAGCSLDQTVAPGNLTLCGNATLFTTFRPKARFIAPEGWMNA
PMGLYQRADGSIHAGYQSHPKHIQWGNISQGAAYSSDFTSWTDFNGSEGYKTIWPSQIYDIRGVFDGSIIKEGIDGYPTI
LYTSTSFGPLGATLNEAEGTETQSLAYTTDDGASWIKLGYGAGQNPVIYEWPETNLTGFRDPYVFQSPRLEALLANTTSI
TNATGDHFATISGGVHGDGARLFLYRQHTTGEFIKWTYLGPLVTTGYKESYGEWSGNYGINFETAGVTRLNPAGAAWDNG
SDTTAVDFVTFGTEQGRADHQNHWPLWAAVDYEVRDNGSIEAVIAYSGVQDWGRSYAYASFPVEGYRQVSVGWIYEDDDN
VILAKQFGYQGAFTLFRDLFVKVVENVSPSTPGLFEQASWSTKNSTDGMSVTVTTLGQRVVPETLAAYKGNSTVSTLAPV
MLNESAAAYTPFSSQPTDRFYALTGSFEFGLNTTAKAGFRVLASEEEYTDIWFDPASENLTVVRTASSLIKSFGNDTELA
KVKLYEIVGAESKTLNLTVFVDGSVIEIYANDEVALSTRAYPWLANSTGAGLLADGTTAGDVVGVSGLELWDGLVDAWPA
RPANTSQGLVWDGPTAAMYGLFAGY
;
_entity_poly.pdbx_strand_id   A,B
#
# COMPACT_ATOMS: atom_id res chain seq x y z
N CYS A 42 7.13 41.99 0.70
CA CYS A 42 7.54 40.68 0.10
C CYS A 42 6.67 40.34 -1.11
N SER A 43 7.26 40.43 -2.30
CA SER A 43 6.61 40.00 -3.53
C SER A 43 6.94 38.54 -3.77
N LEU A 44 5.92 37.76 -4.13
CA LEU A 44 6.09 36.38 -4.55
C LEU A 44 5.89 36.25 -6.07
N ASP A 45 6.19 37.31 -6.81
CA ASP A 45 6.05 37.30 -8.26
C ASP A 45 7.25 36.58 -8.86
N GLN A 46 7.02 35.36 -9.35
CA GLN A 46 8.07 34.54 -9.96
C GLN A 46 8.21 34.75 -11.49
N THR A 47 7.60 35.80 -12.02
CA THR A 47 7.82 36.21 -13.42
C THR A 47 8.82 37.36 -13.55
N VAL A 48 9.27 37.89 -12.40
CA VAL A 48 10.28 38.95 -12.37
C VAL A 48 11.36 38.56 -11.38
N ALA A 49 12.45 39.34 -11.37
CA ALA A 49 13.59 39.04 -10.51
C ALA A 49 13.16 39.03 -9.05
N PRO A 50 13.81 38.20 -8.22
CA PRO A 50 13.41 38.14 -6.82
C PRO A 50 13.80 39.42 -6.09
N GLY A 51 12.94 39.87 -5.19
CA GLY A 51 13.26 41.00 -4.33
C GLY A 51 14.13 40.56 -3.17
N ASN A 52 14.04 41.31 -2.09
CA ASN A 52 14.72 40.98 -0.87
C ASN A 52 13.82 40.00 -0.13
N LEU A 53 14.07 38.71 -0.33
CA LEU A 53 13.20 37.67 0.23
C LEU A 53 13.33 37.52 1.75
N THR A 54 14.37 38.08 2.35
CA THR A 54 14.51 38.08 3.81
C THR A 54 13.44 38.94 4.51
N LEU A 55 12.77 39.81 3.77
CA LEU A 55 11.63 40.56 4.30
C LEU A 55 10.34 39.75 4.37
N CYS A 56 10.30 38.59 3.70
CA CYS A 56 9.12 37.74 3.68
C CYS A 56 8.88 37.10 5.05
N GLY A 57 7.60 36.86 5.35
CA GLY A 57 7.20 36.28 6.62
C GLY A 57 7.53 34.81 6.72
N ASN A 58 7.32 34.27 7.91
CA ASN A 58 7.57 32.86 8.18
C ASN A 58 6.72 31.98 7.30
N ALA A 59 7.35 30.99 6.67
CA ALA A 59 6.66 30.00 5.83
C ALA A 59 5.94 30.59 4.59
N THR A 60 6.29 31.80 4.19
CA THR A 60 5.70 32.39 2.98
C THR A 60 6.27 31.75 1.72
N LEU A 61 7.45 31.17 1.82
CA LEU A 61 8.04 30.38 0.73
C LEU A 61 7.90 28.87 0.95
N PHE A 62 6.86 28.43 1.66
CA PHE A 62 6.71 27.01 2.03
C PHE A 62 6.63 26.11 0.80
N THR A 63 5.80 26.46 -0.17
CA THR A 63 5.60 25.60 -1.35
C THR A 63 6.58 25.87 -2.49
N THR A 64 7.32 26.98 -2.44
CA THR A 64 8.08 27.48 -3.60
C THR A 64 9.12 26.50 -4.13
N PHE A 65 9.89 25.91 -3.20
CA PHE A 65 10.99 25.01 -3.54
C PHE A 65 10.81 23.60 -2.96
N ARG A 66 9.61 23.27 -2.51
CA ARG A 66 9.42 22.11 -1.63
C ARG A 66 9.27 20.81 -2.41
N PRO A 67 10.05 19.78 -2.05
CA PRO A 67 9.79 18.48 -2.68
C PRO A 67 8.37 17.98 -2.44
N LYS A 68 7.81 17.30 -3.43
CA LYS A 68 6.48 16.69 -3.35
C LYS A 68 6.44 15.17 -3.49
N ALA A 69 7.51 14.57 -4.02
CA ALA A 69 7.51 13.17 -4.43
C ALA A 69 8.37 12.26 -3.54
N ARG A 70 8.73 12.74 -2.34
CA ARG A 70 9.63 12.01 -1.44
C ARG A 70 9.24 12.19 0.02
N PHE A 71 9.93 11.44 0.87
CA PHE A 71 9.73 11.54 2.30
C PHE A 71 10.26 12.90 2.80
N ILE A 72 9.39 13.61 3.52
CA ILE A 72 9.74 14.89 4.14
C ILE A 72 8.78 15.09 5.32
N ALA A 73 9.26 15.75 6.38
CA ALA A 73 8.40 16.06 7.54
C ALA A 73 7.25 16.99 7.11
N PRO A 74 6.16 17.03 7.89
CA PRO A 74 5.10 18.00 7.56
C PRO A 74 5.56 19.46 7.56
N GLU A 75 6.48 19.80 8.44
CA GLU A 75 7.02 21.14 8.56
C GLU A 75 8.22 21.12 9.48
N GLY A 76 8.94 22.23 9.53
CA GLY A 76 10.02 22.40 10.46
C GLY A 76 11.29 21.67 10.09
N TRP A 77 12.13 21.48 11.10
CA TRP A 77 13.45 20.89 10.93
C TRP A 77 13.36 19.36 10.94
N MET A 78 14.04 18.72 10.00
CA MET A 78 14.32 17.29 10.09
C MET A 78 15.78 17.03 9.75
N ASN A 79 16.32 15.94 10.30
CA ASN A 79 17.59 15.43 9.81
C ASN A 79 17.57 13.89 9.64
N ALA A 80 18.39 13.14 10.37
CA ALA A 80 18.66 11.73 10.07
C ALA A 80 17.43 10.83 10.10
N PRO A 81 17.33 9.89 9.14
CA PRO A 81 16.39 8.79 9.31
C PRO A 81 16.73 7.96 10.55
N MET A 82 15.72 7.36 11.16
CA MET A 82 15.92 6.52 12.34
C MET A 82 14.76 5.54 12.48
N GLY A 83 14.96 4.53 13.33
CA GLY A 83 13.87 3.61 13.71
C GLY A 83 13.20 2.91 12.54
N LEU A 84 13.98 2.63 11.49
CA LEU A 84 13.44 2.05 10.27
C LEU A 84 13.18 0.57 10.45
N TYR A 85 11.96 0.13 10.14
CA TYR A 85 11.67 -1.31 10.12
C TYR A 85 10.44 -1.63 9.30
N GLN A 86 10.42 -2.84 8.77
CA GLN A 86 9.24 -3.38 8.11
C GLN A 86 8.35 -3.99 9.17
N ARG A 87 7.12 -3.48 9.26
CA ARG A 87 6.17 -3.91 10.28
C ARG A 87 5.58 -5.27 9.91
N ALA A 88 4.89 -5.88 10.85
CA ALA A 88 4.30 -7.23 10.65
C ALA A 88 3.33 -7.29 9.46
N ASP A 89 2.64 -6.18 9.17
CA ASP A 89 1.72 -6.13 8.01
C ASP A 89 2.42 -5.88 6.66
N GLY A 90 3.75 -5.80 6.66
CA GLY A 90 4.52 -5.55 5.45
C GLY A 90 4.81 -4.10 5.14
N SER A 91 4.12 -3.18 5.82
CA SER A 91 4.37 -1.75 5.65
C SER A 91 5.71 -1.34 6.26
N ILE A 92 6.20 -0.20 5.82
CA ILE A 92 7.48 0.35 6.27
C ILE A 92 7.22 1.46 7.27
N HIS A 93 7.84 1.35 8.45
CA HIS A 93 7.85 2.41 9.45
C HIS A 93 9.14 3.17 9.29
N ALA A 94 9.04 4.49 9.10
CA ALA A 94 10.20 5.37 9.00
C ALA A 94 10.10 6.45 10.06
N GLY A 95 11.12 6.51 10.91
CA GLY A 95 11.32 7.60 11.83
C GLY A 95 12.31 8.62 11.28
N TYR A 96 12.34 9.79 11.91
CA TYR A 96 13.34 10.80 11.59
C TYR A 96 13.57 11.76 12.73
N GLN A 97 14.80 12.24 12.82
CA GLN A 97 15.16 13.30 13.75
C GLN A 97 14.35 14.55 13.39
N SER A 98 13.61 15.09 14.35
CA SER A 98 12.58 16.09 14.09
C SER A 98 12.55 17.19 15.14
N HIS A 99 12.43 18.44 14.69
CA HIS A 99 12.19 19.61 15.55
C HIS A 99 11.08 20.46 14.93
N PRO A 100 9.82 20.11 15.20
CA PRO A 100 8.67 20.84 14.66
C PRO A 100 8.65 22.31 15.08
N LYS A 101 8.12 23.13 14.19
CA LYS A 101 7.89 24.57 14.44
C LYS A 101 9.19 25.35 14.70
N HIS A 102 10.32 24.79 14.26
CA HIS A 102 11.63 25.39 14.31
C HIS A 102 12.31 25.09 12.98
N ILE A 103 13.32 25.87 12.64
CA ILE A 103 14.12 25.61 11.43
C ILE A 103 15.61 25.36 11.71
N GLN A 104 15.97 25.19 12.98
CA GLN A 104 17.25 24.64 13.37
C GLN A 104 17.01 23.47 14.31
N TRP A 105 18.05 22.66 14.42
CA TRP A 105 18.06 21.47 15.28
C TRP A 105 17.81 21.79 16.74
N GLY A 106 17.20 20.86 17.45
CA GLY A 106 17.04 20.98 18.89
C GLY A 106 15.88 20.13 19.38
N ASN A 107 15.79 19.97 20.70
CA ASN A 107 14.83 19.09 21.35
C ASN A 107 14.56 17.85 20.54
N ILE A 108 15.63 17.23 20.05
CA ILE A 108 15.46 16.38 18.89
C ILE A 108 14.66 15.14 19.27
N SER A 109 13.73 14.79 18.40
CA SER A 109 12.69 13.79 18.66
C SER A 109 12.54 12.89 17.44
N GLN A 110 11.83 11.78 17.61
CA GLN A 110 11.44 10.95 16.47
C GLN A 110 10.08 11.37 15.94
N GLY A 111 10.07 11.94 14.74
CA GLY A 111 8.86 12.05 13.92
C GLY A 111 8.71 10.73 13.17
N ALA A 112 7.50 10.38 12.77
CA ALA A 112 7.30 9.09 12.11
C ALA A 112 6.14 9.04 11.13
N ALA A 113 6.25 8.09 10.20
CA ALA A 113 5.23 7.86 9.20
C ALA A 113 5.35 6.43 8.67
N TYR A 114 4.35 5.99 7.90
CA TYR A 114 4.38 4.64 7.35
C TYR A 114 3.92 4.61 5.90
N SER A 115 4.32 3.55 5.20
CA SER A 115 4.03 3.38 3.79
C SER A 115 3.98 1.90 3.42
N SER A 116 3.09 1.54 2.50
CA SER A 116 3.08 0.18 1.96
C SER A 116 4.01 -0.01 0.76
N ASP A 117 4.63 1.05 0.24
CA ASP A 117 5.42 0.96 -1.00
C ASP A 117 6.64 1.87 -1.09
N PHE A 118 7.14 2.33 0.07
CA PHE A 118 8.24 3.32 0.16
C PHE A 118 7.94 4.70 -0.43
N THR A 119 6.77 4.89 -1.03
CA THR A 119 6.56 5.99 -1.98
C THR A 119 5.43 6.92 -1.56
N SER A 120 4.27 6.37 -1.24
CA SER A 120 3.13 7.11 -0.71
C SER A 120 3.06 6.87 0.79
N TRP A 121 3.04 7.95 1.57
CA TRP A 121 3.23 7.89 3.03
C TRP A 121 2.04 8.50 3.77
N THR A 122 1.90 8.08 5.03
CA THR A 122 0.90 8.60 5.95
C THR A 122 1.57 8.93 7.28
N ASP A 123 1.33 10.13 7.77
CA ASP A 123 1.87 10.56 9.07
C ASP A 123 1.18 9.82 10.22
N PHE A 124 1.92 9.48 11.26
CA PHE A 124 1.30 9.16 12.55
C PHE A 124 0.72 10.45 13.12
N ASN A 125 -0.33 10.31 13.91
CA ASN A 125 -0.99 11.45 14.55
C ASN A 125 -1.43 11.04 15.95
N GLY A 126 -0.73 11.55 16.96
CA GLY A 126 -1.00 11.22 18.35
C GLY A 126 -1.05 12.47 19.18
N SER A 127 -0.84 12.32 20.49
CA SER A 127 -0.88 13.44 21.43
C SER A 127 0.20 14.48 21.12
N GLU A 128 1.34 14.06 20.55
CA GLU A 128 2.39 14.99 20.12
C GLU A 128 2.46 15.15 18.61
N GLY A 129 1.31 15.13 17.96
CA GLY A 129 1.25 15.30 16.50
C GLY A 129 1.89 14.12 15.80
N TYR A 130 2.89 14.40 14.98
CA TYR A 130 3.60 13.37 14.25
C TYR A 130 4.85 12.85 14.97
N LYS A 131 5.15 13.39 16.15
CA LYS A 131 6.21 12.83 16.98
C LYS A 131 5.73 11.59 17.70
N THR A 132 6.63 10.62 17.88
CA THR A 132 6.32 9.41 18.64
C THR A 132 7.31 9.11 19.77
N ILE A 133 8.50 9.72 19.75
CA ILE A 133 9.42 9.68 20.89
C ILE A 133 10.03 11.07 21.03
N TRP A 134 10.12 11.56 22.27
CA TRP A 134 10.63 12.90 22.55
C TRP A 134 11.40 12.91 23.85
N PRO A 135 12.27 13.91 24.04
CA PRO A 135 12.94 14.07 25.33
C PRO A 135 11.95 14.17 26.49
N SER A 136 12.15 13.34 27.51
CA SER A 136 11.22 13.30 28.66
C SER A 136 11.80 12.87 30.00
N GLN A 137 13.07 12.44 30.03
CA GLN A 137 13.69 11.89 31.22
C GLN A 137 15.06 12.52 31.37
N ILE A 138 15.61 12.51 32.58
CA ILE A 138 16.95 13.06 32.78
C ILE A 138 17.99 12.49 31.79
N TYR A 139 17.83 11.22 31.44
CA TYR A 139 18.81 10.53 30.58
C TYR A 139 18.69 10.88 29.08
N ASP A 140 17.53 11.37 28.64
CA ASP A 140 17.35 11.77 27.24
C ASP A 140 16.81 13.19 27.02
N ILE A 141 16.83 14.03 28.05
CA ILE A 141 16.20 15.35 27.98
C ILE A 141 16.89 16.29 26.97
N ARG A 142 18.16 16.02 26.66
CA ARG A 142 18.90 16.86 25.73
C ARG A 142 18.67 16.47 24.28
N GLY A 143 17.99 15.34 24.05
CA GLY A 143 17.68 14.87 22.71
C GLY A 143 17.57 13.35 22.64
N VAL A 144 16.56 12.90 21.89
CA VAL A 144 16.40 11.52 21.48
C VAL A 144 17.08 11.43 20.12
N PHE A 145 18.32 10.98 20.15
CA PHE A 145 19.15 10.87 18.96
C PHE A 145 18.78 9.60 18.16
N ASP A 146 19.55 9.30 17.12
CA ASP A 146 19.33 8.14 16.27
C ASP A 146 19.20 6.83 17.07
N GLY A 147 18.40 5.91 16.55
CA GLY A 147 18.23 4.58 17.12
C GLY A 147 17.75 3.62 16.05
N SER A 148 17.81 2.33 16.38
CA SER A 148 17.45 1.28 15.43
C SER A 148 16.61 0.21 16.12
N ILE A 149 16.03 -0.67 15.31
CA ILE A 149 14.94 -1.53 15.75
C ILE A 149 15.37 -2.98 15.97
N ILE A 150 14.98 -3.49 17.14
CA ILE A 150 14.95 -4.92 17.46
C ILE A 150 13.51 -5.37 17.18
N LYS A 151 13.32 -6.16 16.14
CA LYS A 151 11.97 -6.45 15.68
C LYS A 151 11.18 -7.29 16.69
N GLU A 152 11.84 -8.25 17.33
CA GLU A 152 11.22 -9.02 18.41
C GLU A 152 11.97 -8.75 19.71
N GLY A 153 11.53 -7.70 20.41
CA GLY A 153 12.25 -7.19 21.56
C GLY A 153 11.50 -7.42 22.86
N ILE A 154 11.32 -6.35 23.62
CA ILE A 154 10.75 -6.41 24.97
C ILE A 154 9.34 -6.98 24.88
N ASP A 155 9.10 -8.07 25.62
CA ASP A 155 7.81 -8.77 25.60
C ASP A 155 7.33 -9.17 24.19
N GLY A 156 8.29 -9.39 23.29
CA GLY A 156 8.00 -9.72 21.89
C GLY A 156 7.68 -8.54 20.97
N TYR A 157 7.67 -7.32 21.49
CA TYR A 157 7.27 -6.14 20.71
C TYR A 157 8.44 -5.50 19.98
N PRO A 158 8.17 -4.78 18.88
CA PRO A 158 9.25 -4.01 18.27
C PRO A 158 9.82 -3.03 19.29
N THR A 159 11.15 -2.96 19.34
CA THR A 159 11.87 -2.26 20.38
C THR A 159 12.95 -1.41 19.72
N ILE A 160 13.07 -0.16 20.15
CA ILE A 160 14.11 0.72 19.65
C ILE A 160 15.23 0.85 20.69
N LEU A 161 16.47 0.70 20.23
CA LEU A 161 17.65 1.08 21.01
C LEU A 161 18.13 2.39 20.42
N TYR A 162 18.13 3.45 21.23
CA TYR A 162 18.46 4.81 20.75
C TYR A 162 19.44 5.51 21.66
N THR A 163 20.12 6.51 21.11
CA THR A 163 21.00 7.34 21.92
C THR A 163 20.18 8.38 22.70
N SER A 164 20.22 8.21 24.02
CA SER A 164 19.59 9.13 24.97
C SER A 164 20.65 10.10 25.43
N THR A 165 20.44 11.40 25.21
CA THR A 165 21.44 12.41 25.57
C THR A 165 21.00 13.26 26.75
N SER A 166 21.97 13.59 27.60
CA SER A 166 21.75 14.49 28.73
C SER A 166 22.69 15.69 28.61
N PHE A 167 22.93 16.37 29.72
N PHE A 167 22.94 16.39 29.73
CA PHE A 167 23.69 17.62 29.73
CA PHE A 167 23.69 17.65 29.73
C PHE A 167 25.18 17.44 29.53
C PHE A 167 25.18 17.44 29.53
N GLY A 168 25.87 18.52 29.17
CA GLY A 168 27.33 18.56 29.09
C GLY A 168 27.78 18.82 27.68
N PRO A 169 29.06 19.20 27.50
CA PRO A 169 29.60 19.34 26.14
C PRO A 169 29.38 18.04 25.34
N LEU A 170 28.89 18.19 24.11
CA LEU A 170 28.60 17.05 23.25
C LEU A 170 29.11 17.37 21.86
N GLY A 171 30.12 16.62 21.42
CA GLY A 171 30.69 16.82 20.09
C GLY A 171 32.10 16.31 19.97
N ALA A 172 32.44 15.92 18.75
CA ALA A 172 33.77 15.39 18.43
C ALA A 172 34.91 16.37 18.65
N THR A 173 34.63 17.68 18.57
CA THR A 173 35.66 18.71 18.81
C THR A 173 35.59 19.35 20.20
N LEU A 174 34.73 18.82 21.07
CA LEU A 174 34.57 19.29 22.43
C LEU A 174 35.07 18.25 23.40
N ASN A 175 35.10 18.60 24.69
CA ASN A 175 35.55 17.68 25.73
C ASN A 175 34.35 16.98 26.36
N GLU A 176 33.80 16.00 25.64
CA GLU A 176 32.63 15.26 26.11
C GLU A 176 32.99 14.33 27.25
N ALA A 177 32.06 14.13 28.18
CA ALA A 177 32.25 13.22 29.29
C ALA A 177 31.22 12.11 29.23
N GLU A 178 31.58 11.02 29.88
CA GLU A 178 30.73 9.86 30.05
C GLU A 178 29.40 10.25 30.69
N GLY A 179 28.31 9.69 30.18
CA GLY A 179 26.95 9.99 30.65
C GLY A 179 26.18 10.93 29.74
N THR A 180 26.87 11.82 29.04
CA THR A 180 26.22 12.77 28.15
C THR A 180 25.49 12.05 27.00
N GLU A 181 26.10 10.98 26.48
CA GLU A 181 25.46 10.12 25.49
C GLU A 181 25.40 8.71 26.07
N THR A 182 24.18 8.20 26.24
CA THR A 182 23.95 6.83 26.68
C THR A 182 22.99 6.19 25.68
N GLN A 183 22.73 4.90 25.86
CA GLN A 183 21.83 4.16 24.95
C GLN A 183 20.69 3.54 25.76
N SER A 184 19.46 3.75 25.29
CA SER A 184 18.25 3.41 26.02
C SER A 184 17.27 2.65 25.15
N LEU A 185 16.35 1.94 25.80
CA LEU A 185 15.31 1.16 25.13
C LEU A 185 13.91 1.72 25.29
N ALA A 186 13.12 1.57 24.22
CA ALA A 186 11.68 1.76 24.29
C ALA A 186 11.03 0.73 23.39
N TYR A 187 9.78 0.37 23.67
CA TYR A 187 9.05 -0.61 22.85
C TYR A 187 7.67 -0.10 22.49
N THR A 188 7.10 -0.64 21.41
CA THR A 188 5.79 -0.21 20.94
C THR A 188 4.79 -1.37 20.97
N THR A 189 3.62 -1.13 21.55
CA THR A 189 2.53 -2.11 21.56
C THR A 189 1.46 -1.78 20.50
N ASP A 190 1.68 -0.72 19.73
CA ASP A 190 0.70 -0.28 18.73
C ASP A 190 1.37 0.05 17.39
N ASP A 191 2.39 -0.75 17.03
CA ASP A 191 3.04 -0.69 15.73
C ASP A 191 3.61 0.68 15.37
N GLY A 192 4.16 1.37 16.38
CA GLY A 192 4.85 2.64 16.17
C GLY A 192 4.01 3.89 16.38
N ALA A 193 2.73 3.76 16.73
CA ALA A 193 1.94 4.94 17.10
C ALA A 193 2.47 5.60 18.37
N SER A 194 2.98 4.78 19.30
CA SER A 194 3.58 5.27 20.53
C SER A 194 4.67 4.32 20.99
N TRP A 195 5.54 4.82 21.86
CA TRP A 195 6.63 4.00 22.43
C TRP A 195 6.65 4.20 23.94
N ILE A 196 6.91 3.11 24.65
CA ILE A 196 7.04 3.12 26.09
C ILE A 196 8.51 2.87 26.44
N LYS A 197 9.13 3.84 27.10
CA LYS A 197 10.53 3.71 27.54
C LYS A 197 10.58 2.81 28.76
N LEU A 198 11.66 2.04 28.89
CA LEU A 198 11.94 1.39 30.16
C LEU A 198 12.16 2.47 31.23
N GLY A 199 11.95 2.11 32.48
CA GLY A 199 12.16 3.03 33.59
C GLY A 199 13.60 3.49 33.72
N TYR A 200 13.81 4.66 34.33
CA TYR A 200 15.15 5.12 34.66
C TYR A 200 15.66 4.38 35.88
N GLY A 201 16.87 3.80 35.78
CA GLY A 201 17.51 3.25 36.98
C GLY A 201 18.41 2.06 36.75
N ALA A 202 18.93 1.54 37.86
CA ALA A 202 19.81 0.37 37.84
C ALA A 202 19.06 -0.82 37.23
N GLY A 203 19.68 -1.45 36.25
CA GLY A 203 19.08 -2.59 35.56
C GLY A 203 17.99 -2.23 34.55
N GLN A 204 17.80 -0.93 34.29
CA GLN A 204 16.80 -0.44 33.35
C GLN A 204 17.50 0.61 32.47
N ASN A 205 16.81 1.69 32.07
CA ASN A 205 17.44 2.70 31.24
C ASN A 205 18.35 3.65 32.01
N PRO A 206 19.41 4.15 31.40
CA PRO A 206 19.92 3.68 30.11
C PRO A 206 20.63 2.32 30.25
N VAL A 207 20.59 1.52 29.20
CA VAL A 207 21.15 0.15 29.24
C VAL A 207 22.63 0.08 28.87
N ILE A 208 23.12 1.05 28.10
CA ILE A 208 24.55 1.16 27.81
C ILE A 208 24.98 2.58 28.15
N TYR A 209 25.93 2.70 29.07
CA TYR A 209 26.40 4.01 29.53
C TYR A 209 27.89 4.12 29.78
N GLU A 210 28.57 3.01 30.06
CA GLU A 210 30.00 3.01 30.29
C GLU A 210 30.73 3.15 28.95
N TRP A 211 31.64 4.11 28.85
CA TRP A 211 32.48 4.26 27.68
C TRP A 211 33.44 3.06 27.57
N PRO A 212 33.52 2.44 26.38
CA PRO A 212 34.41 1.28 26.22
C PRO A 212 35.90 1.63 26.19
N GLU A 213 36.22 2.87 25.83
CA GLU A 213 37.59 3.40 25.87
C GLU A 213 37.49 4.85 26.36
N THR A 214 38.59 5.41 26.85
CA THR A 214 38.58 6.81 27.36
C THR A 214 38.67 7.83 26.22
N ASN A 215 38.32 9.07 26.55
CA ASN A 215 38.47 10.24 25.66
C ASN A 215 37.80 10.05 24.29
N LEU A 216 36.56 9.56 24.32
CA LEU A 216 35.77 9.41 23.10
C LEU A 216 35.39 10.75 22.49
N THR A 217 35.39 10.78 21.17
CA THR A 217 34.87 11.90 20.40
C THR A 217 33.35 11.82 20.27
N GLY A 218 32.79 10.64 20.45
CA GLY A 218 31.35 10.42 20.30
C GLY A 218 30.99 9.02 20.72
N PHE A 219 29.71 8.80 21.00
CA PHE A 219 29.24 7.53 21.52
C PHE A 219 27.75 7.42 21.26
N ARG A 220 27.39 7.16 20.01
CA ARG A 220 25.98 7.25 19.61
C ARG A 220 25.61 6.40 18.41
N ASP A 221 24.31 6.38 18.13
CA ASP A 221 23.73 5.79 16.91
C ASP A 221 23.83 4.27 16.94
N PRO A 222 23.23 3.64 17.97
CA PRO A 222 23.30 2.19 18.08
C PRO A 222 22.58 1.50 16.92
N TYR A 223 23.29 0.60 16.24
CA TYR A 223 22.76 -0.10 15.09
C TYR A 223 22.65 -1.56 15.45
N VAL A 224 21.42 -2.04 15.67
CA VAL A 224 21.19 -3.40 16.09
C VAL A 224 20.93 -4.27 14.86
N PHE A 225 21.54 -5.45 14.83
CA PHE A 225 21.39 -6.34 13.67
C PHE A 225 21.64 -7.78 14.09
N GLN A 226 21.04 -8.70 13.34
CA GLN A 226 21.34 -10.12 13.48
C GLN A 226 22.36 -10.47 12.40
N SER A 227 23.21 -11.46 12.69
CA SER A 227 24.29 -11.82 11.79
C SER A 227 24.69 -13.28 11.99
N PRO A 228 24.12 -14.18 11.18
CA PRO A 228 24.64 -15.56 11.15
C PRO A 228 26.15 -15.63 10.92
N ARG A 229 26.66 -14.72 10.08
CA ARG A 229 28.10 -14.59 9.83
C ARG A 229 28.90 -14.37 11.11
N LEU A 230 28.55 -13.33 11.87
CA LEU A 230 29.27 -13.04 13.11
C LEU A 230 29.06 -14.11 14.18
N GLU A 231 27.87 -14.68 14.26
CA GLU A 231 27.61 -15.78 15.21
C GLU A 231 28.53 -16.98 14.92
N ALA A 232 28.68 -17.31 13.64
CA ALA A 232 29.55 -18.43 13.24
C ALA A 232 31.00 -18.13 13.56
N LEU A 233 31.46 -16.91 13.26
CA LEU A 233 32.83 -16.51 13.56
C LEU A 233 33.17 -16.49 15.06
N LEU A 234 32.20 -16.13 15.89
CA LEU A 234 32.44 -16.02 17.33
C LEU A 234 32.11 -17.28 18.13
N ALA A 235 31.52 -18.30 17.50
CA ALA A 235 30.99 -19.48 18.20
C ALA A 235 32.03 -20.20 19.07
N ASN A 236 33.28 -20.24 18.61
CA ASN A 236 34.38 -20.85 19.38
C ASN A 236 35.00 -19.98 20.49
N THR A 237 34.54 -18.73 20.63
CA THR A 237 35.06 -17.80 21.63
C THR A 237 34.07 -17.41 22.73
N THR A 238 32.85 -17.96 22.72
CA THR A 238 31.81 -17.51 23.66
C THR A 238 32.11 -17.81 25.14
N SER A 239 33.00 -18.78 25.41
CA SER A 239 33.50 -18.98 26.78
C SER A 239 34.35 -17.83 27.29
N ILE A 240 34.99 -17.09 26.39
CA ILE A 240 35.85 -15.98 26.77
C ILE A 240 35.00 -14.78 27.21
N THR A 241 33.92 -14.50 26.48
CA THR A 241 33.09 -13.30 26.71
C THR A 241 31.76 -13.56 27.41
N ASN A 242 31.27 -14.80 27.37
CA ASN A 242 29.94 -15.18 27.84
C ASN A 242 28.75 -14.53 27.11
N ALA A 243 29.00 -13.91 25.96
CA ALA A 243 27.95 -13.23 25.19
C ALA A 243 27.51 -14.19 24.10
N THR A 244 26.25 -14.62 24.17
CA THR A 244 25.71 -15.63 23.26
C THR A 244 24.42 -15.22 22.58
N GLY A 245 24.02 -13.95 22.70
CA GLY A 245 22.76 -13.49 22.11
C GLY A 245 22.77 -13.48 20.60
N ASP A 246 21.58 -13.42 20.01
CA ASP A 246 21.44 -13.38 18.55
C ASP A 246 21.37 -11.97 17.95
N HIS A 247 21.52 -10.93 18.78
CA HIS A 247 21.63 -9.56 18.28
C HIS A 247 23.00 -8.98 18.59
N PHE A 248 23.53 -8.26 17.60
CA PHE A 248 24.71 -7.44 17.76
C PHE A 248 24.30 -5.98 17.70
N ALA A 249 25.15 -5.10 18.23
CA ALA A 249 24.94 -3.66 18.09
C ALA A 249 26.26 -2.95 17.94
N THR A 250 26.36 -2.06 16.96
CA THR A 250 27.49 -1.16 16.88
C THR A 250 27.13 0.20 17.45
N ILE A 251 28.11 0.86 18.03
CA ILE A 251 27.98 2.26 18.46
C ILE A 251 29.09 3.05 17.78
N SER A 252 28.70 4.21 17.21
CA SER A 252 29.60 5.03 16.42
C SER A 252 30.32 6.10 17.25
N GLY A 253 31.60 6.25 17.02
CA GLY A 253 32.38 7.27 17.71
C GLY A 253 33.80 7.38 17.21
N GLY A 254 34.72 7.50 18.15
CA GLY A 254 36.13 7.73 17.86
C GLY A 254 36.87 8.08 19.13
N VAL A 255 38.17 8.36 19.00
CA VAL A 255 39.03 8.68 20.14
C VAL A 255 39.77 9.97 19.83
N HIS A 256 39.77 10.91 20.78
CA HIS A 256 40.38 12.22 20.57
C HIS A 256 41.83 12.08 20.08
N GLY A 257 42.14 12.77 18.99
CA GLY A 257 43.48 12.74 18.40
C GLY A 257 43.88 11.49 17.65
N ASP A 258 43.03 10.45 17.62
CA ASP A 258 43.44 9.14 17.09
C ASP A 258 42.41 8.46 16.17
N GLY A 259 41.50 9.25 15.61
CA GLY A 259 40.59 8.77 14.58
C GLY A 259 39.30 8.14 15.07
N ALA A 260 38.49 7.74 14.09
CA ALA A 260 37.15 7.20 14.32
C ALA A 260 37.18 5.75 14.76
N ARG A 261 36.08 5.32 15.39
CA ARG A 261 35.92 3.97 15.90
C ARG A 261 34.47 3.55 15.74
N LEU A 262 34.25 2.30 15.34
CA LEU A 262 32.95 1.66 15.43
C LEU A 262 33.08 0.54 16.44
N PHE A 263 32.33 0.65 17.54
CA PHE A 263 32.43 -0.27 18.68
C PHE A 263 31.39 -1.36 18.54
N LEU A 264 31.79 -2.64 18.72
CA LEU A 264 30.87 -3.77 18.59
C LEU A 264 30.48 -4.33 19.95
N TYR A 265 29.18 -4.47 20.13
CA TYR A 265 28.57 -5.10 21.29
C TYR A 265 27.80 -6.32 20.83
N ARG A 266 27.65 -7.29 21.72
CA ARG A 266 26.78 -8.43 21.50
C ARG A 266 25.83 -8.56 22.67
N GLN A 267 24.56 -8.75 22.36
CA GLN A 267 23.53 -9.07 23.33
C GLN A 267 24.03 -10.25 24.18
N HIS A 268 24.01 -10.10 25.50
CA HIS A 268 24.59 -11.11 26.37
C HIS A 268 23.84 -12.44 26.30
N THR A 269 22.52 -12.37 26.39
CA THR A 269 21.67 -13.57 26.36
C THR A 269 20.48 -13.38 25.44
N THR A 270 20.21 -14.38 24.61
CA THR A 270 19.05 -14.38 23.72
C THR A 270 17.77 -14.17 24.53
N GLY A 271 16.88 -13.35 23.99
CA GLY A 271 15.61 -13.03 24.63
C GLY A 271 15.67 -12.06 25.80
N GLU A 272 16.84 -11.51 26.08
CA GLU A 272 17.03 -10.54 27.16
C GLU A 272 17.74 -9.31 26.58
N PHE A 273 17.25 -8.11 26.92
CA PHE A 273 17.65 -6.89 26.20
C PHE A 273 18.31 -5.80 27.04
N ILE A 274 18.54 -6.08 28.32
CA ILE A 274 19.21 -5.12 29.21
C ILE A 274 20.71 -5.20 29.05
N LYS A 275 21.26 -6.42 29.03
CA LYS A 275 22.72 -6.58 29.08
C LYS A 275 23.34 -6.76 27.69
N TRP A 276 24.25 -5.84 27.35
CA TRP A 276 24.98 -5.86 26.08
C TRP A 276 26.45 -5.87 26.44
N THR A 277 27.18 -6.83 25.90
CA THR A 277 28.60 -7.00 26.22
C THR A 277 29.46 -6.36 25.15
N TYR A 278 30.34 -5.46 25.56
CA TYR A 278 31.31 -4.85 24.65
C TYR A 278 32.33 -5.90 24.25
N LEU A 279 32.48 -6.14 22.95
CA LEU A 279 33.46 -7.09 22.44
C LEU A 279 34.77 -6.39 22.13
N GLY A 280 34.69 -5.33 21.34
CA GLY A 280 35.88 -4.60 20.92
C GLY A 280 35.58 -3.68 19.75
N PRO A 281 36.59 -2.88 19.32
CA PRO A 281 36.42 -2.07 18.12
C PRO A 281 36.31 -2.92 16.87
N LEU A 282 35.28 -2.65 16.07
CA LEU A 282 35.05 -3.34 14.80
C LEU A 282 35.81 -2.66 13.69
N VAL A 283 35.65 -1.34 13.58
CA VAL A 283 36.37 -0.53 12.60
C VAL A 283 37.21 0.51 13.32
N THR A 284 38.49 0.58 12.95
CA THR A 284 39.42 1.56 13.48
C THR A 284 40.10 2.24 12.30
N THR A 285 39.95 3.56 12.20
CA THR A 285 40.60 4.34 11.17
C THR A 285 41.40 5.46 11.81
N GLY A 286 42.35 6.01 11.05
CA GLY A 286 43.27 7.03 11.55
C GLY A 286 42.70 8.42 11.49
N TYR A 287 43.31 9.31 12.27
CA TYR A 287 42.91 10.72 12.32
C TYR A 287 43.00 11.40 10.96
N LYS A 288 41.85 11.73 10.38
CA LYS A 288 41.74 12.30 9.04
C LYS A 288 42.44 11.47 7.94
N GLU A 289 42.46 10.16 8.14
CA GLU A 289 43.00 9.20 7.15
C GLU A 289 42.08 9.17 5.94
N SER A 290 42.66 9.11 4.74
CA SER A 290 41.91 8.88 3.51
C SER A 290 42.46 7.64 2.80
N TYR A 291 41.55 6.77 2.35
CA TYR A 291 41.93 5.64 1.48
C TYR A 291 42.22 6.10 0.04
N GLY A 292 41.82 7.34 -0.30
CA GLY A 292 42.18 7.96 -1.57
C GLY A 292 41.06 8.77 -2.20
N GLU A 293 41.30 9.17 -3.45
CA GLU A 293 40.41 10.03 -4.25
C GLU A 293 38.99 9.47 -4.45
N TRP A 294 38.85 8.16 -4.43
CA TRP A 294 37.56 7.51 -4.65
C TRP A 294 36.81 7.21 -3.35
N SER A 295 37.35 7.62 -2.21
CA SER A 295 36.92 7.10 -0.92
C SER A 295 36.65 8.16 0.17
N GLY A 296 36.56 9.43 -0.20
CA GLY A 296 36.40 10.51 0.78
C GLY A 296 37.50 10.51 1.84
N ASN A 297 37.13 10.76 3.08
CA ASN A 297 38.09 10.87 4.18
C ASN A 297 37.41 10.35 5.46
N TYR A 298 38.16 9.60 6.26
CA TYR A 298 37.61 8.97 7.46
C TYR A 298 37.43 9.93 8.65
N GLY A 299 37.88 11.17 8.53
CA GLY A 299 37.62 12.21 9.52
C GLY A 299 38.14 11.87 10.92
N ILE A 300 37.41 12.33 11.93
CA ILE A 300 37.81 12.14 13.32
C ILE A 300 36.81 11.32 14.16
N ASN A 301 35.63 11.05 13.61
CA ASN A 301 34.53 10.50 14.37
C ASN A 301 33.50 9.93 13.40
N PHE A 302 32.96 8.76 13.70
CA PHE A 302 31.90 8.16 12.90
C PHE A 302 30.53 8.54 13.45
N GLU A 303 29.55 8.64 12.56
CA GLU A 303 28.14 8.75 12.92
C GLU A 303 27.31 7.82 12.06
N THR A 304 26.17 7.41 12.60
CA THR A 304 25.16 6.60 11.92
C THR A 304 25.70 5.39 11.18
N ALA A 305 26.67 4.69 11.78
CA ALA A 305 27.27 3.53 11.13
C ALA A 305 26.34 2.32 11.22
N GLY A 306 26.33 1.51 10.16
CA GLY A 306 25.61 0.24 10.14
C GLY A 306 26.44 -0.85 9.51
N VAL A 307 26.01 -2.09 9.73
CA VAL A 307 26.68 -3.30 9.26
C VAL A 307 25.68 -4.15 8.50
N THR A 308 26.08 -4.62 7.32
CA THR A 308 25.23 -5.48 6.53
C THR A 308 26.06 -6.51 5.77
N ARG A 309 25.36 -7.42 5.10
CA ARG A 309 25.99 -8.43 4.27
C ARG A 309 25.13 -8.57 3.05
N LEU A 310 25.76 -8.49 1.88
CA LEU A 310 25.03 -8.42 0.62
C LEU A 310 25.58 -9.45 -0.37
N ASN A 311 24.77 -9.81 -1.35
CA ASN A 311 25.21 -10.60 -2.50
C ASN A 311 24.63 -9.94 -3.75
N PRO A 312 24.86 -10.51 -4.95
CA PRO A 312 24.36 -9.80 -6.13
C PRO A 312 22.87 -9.53 -6.18
N ALA A 313 22.05 -10.34 -5.51
CA ALA A 313 20.60 -10.17 -5.51
C ALA A 313 20.08 -9.17 -4.47
N GLY A 314 20.87 -8.89 -3.43
CA GLY A 314 20.39 -8.04 -2.32
C GLY A 314 21.04 -8.42 -1.01
N ALA A 315 20.24 -8.60 0.03
CA ALA A 315 20.72 -8.98 1.36
C ALA A 315 21.11 -10.47 1.39
N ALA A 316 22.20 -10.76 2.10
CA ALA A 316 22.69 -12.12 2.26
C ALA A 316 22.63 -12.50 3.75
N TRP A 317 21.96 -13.60 4.06
CA TRP A 317 21.81 -14.08 5.44
C TRP A 317 22.56 -15.39 5.72
N ASP A 318 23.53 -15.74 4.87
CA ASP A 318 24.38 -16.91 5.08
C ASP A 318 25.42 -16.67 6.17
N ASN A 319 26.08 -17.75 6.61
CA ASN A 319 27.10 -17.68 7.67
C ASN A 319 28.54 -17.46 7.18
N GLY A 320 28.73 -17.19 5.89
CA GLY A 320 30.04 -17.18 5.27
C GLY A 320 30.13 -18.15 4.10
N SER A 321 29.19 -19.10 4.04
CA SER A 321 29.18 -20.14 3.00
C SER A 321 28.89 -19.64 1.57
N ASP A 322 28.20 -18.51 1.45
CA ASP A 322 27.95 -17.91 0.13
C ASP A 322 29.19 -17.16 -0.30
N THR A 323 29.92 -17.72 -1.27
CA THR A 323 31.16 -17.10 -1.77
C THR A 323 30.94 -15.81 -2.58
N THR A 324 29.69 -15.55 -2.99
CA THR A 324 29.34 -14.31 -3.70
C THR A 324 28.97 -13.17 -2.75
N ALA A 325 28.84 -13.45 -1.46
CA ALA A 325 28.41 -12.44 -0.49
C ALA A 325 29.60 -11.64 0.03
N VAL A 326 29.34 -10.39 0.39
CA VAL A 326 30.37 -9.46 0.86
C VAL A 326 29.83 -8.73 2.11
N ASP A 327 30.68 -8.58 3.11
CA ASP A 327 30.36 -7.82 4.32
C ASP A 327 30.66 -6.35 4.11
N PHE A 328 29.70 -5.49 4.48
CA PHE A 328 29.84 -4.05 4.28
C PHE A 328 29.54 -3.31 5.58
N VAL A 329 30.24 -2.19 5.76
CA VAL A 329 29.90 -1.21 6.79
C VAL A 329 29.55 0.08 6.06
N THR A 330 28.47 0.75 6.45
CA THR A 330 28.17 2.10 5.96
C THR A 330 28.31 3.04 7.15
N PHE A 331 28.81 4.25 6.92
CA PHE A 331 29.11 5.15 8.02
C PHE A 331 29.32 6.57 7.54
N GLY A 332 28.92 7.53 8.38
CA GLY A 332 29.26 8.93 8.18
C GLY A 332 30.54 9.25 8.91
N THR A 333 31.31 10.19 8.37
CA THR A 333 32.47 10.71 9.07
C THR A 333 32.37 12.21 9.16
N GLU A 334 32.98 12.78 10.21
CA GLU A 334 33.00 14.23 10.36
C GLU A 334 34.40 14.81 10.52
N GLN A 335 34.52 16.07 10.12
CA GLN A 335 35.76 16.86 10.15
C GLN A 335 36.88 16.32 9.27
N GLY A 336 36.51 15.62 8.19
CA GLY A 336 37.45 15.19 7.17
C GLY A 336 37.11 15.78 5.81
N ARG A 337 36.42 16.92 5.80
CA ARG A 337 35.95 17.54 4.56
C ARG A 337 35.84 19.05 4.75
N ALA A 338 36.27 19.82 3.76
CA ALA A 338 36.31 21.28 3.84
C ALA A 338 34.94 21.94 3.61
N ASP A 339 34.00 21.18 3.05
CA ASP A 339 32.67 21.69 2.71
C ASP A 339 31.65 20.57 2.98
N HIS A 340 30.42 20.69 2.47
CA HIS A 340 29.36 19.71 2.74
C HIS A 340 29.21 19.44 4.25
N GLN A 341 29.21 20.54 5.01
CA GLN A 341 29.05 20.50 6.46
C GLN A 341 30.06 19.58 7.15
N ASN A 342 31.26 19.50 6.56
CA ASN A 342 32.36 18.64 7.03
C ASN A 342 32.01 17.14 7.13
N HIS A 343 31.08 16.69 6.29
CA HIS A 343 30.48 15.36 6.41
C HIS A 343 30.61 14.52 5.15
N TRP A 344 31.13 13.30 5.30
CA TRP A 344 31.19 12.29 4.23
C TRP A 344 30.29 11.11 4.60
N PRO A 345 29.35 10.73 3.72
CA PRO A 345 28.65 9.46 3.88
C PRO A 345 29.36 8.36 3.08
N LEU A 346 30.00 7.44 3.80
CA LEU A 346 30.90 6.45 3.20
C LEU A 346 30.40 5.03 3.36
N TRP A 347 31.09 4.11 2.70
CA TRP A 347 30.91 2.67 2.91
C TRP A 347 32.24 1.97 2.68
N ALA A 348 32.38 0.78 3.25
CA ALA A 348 33.56 -0.05 3.04
C ALA A 348 33.17 -1.52 2.98
N ALA A 349 33.80 -2.25 2.07
CA ALA A 349 33.74 -3.70 2.09
C ALA A 349 34.80 -4.15 3.10
N VAL A 350 34.48 -5.13 3.93
CA VAL A 350 35.37 -5.55 5.00
C VAL A 350 35.54 -7.07 5.03
N ASP A 351 36.69 -7.51 5.55
CA ASP A 351 36.96 -8.91 5.84
C ASP A 351 37.11 -9.05 7.34
N TYR A 352 36.28 -9.88 7.96
CA TYR A 352 36.28 -10.04 9.41
C TYR A 352 37.40 -10.99 9.85
N GLU A 353 38.11 -10.60 10.91
CA GLU A 353 39.08 -11.45 11.60
C GLU A 353 38.65 -11.57 13.06
N VAL A 354 38.79 -12.77 13.62
CA VAL A 354 38.45 -13.02 15.02
C VAL A 354 39.68 -12.78 15.89
N ARG A 355 39.56 -11.91 16.90
CA ARG A 355 40.64 -11.65 17.84
C ARG A 355 40.65 -12.71 18.94
N ASP A 356 41.79 -12.84 19.61
CA ASP A 356 41.95 -13.80 20.71
C ASP A 356 40.99 -13.54 21.88
N ASN A 357 40.63 -12.28 22.11
CA ASN A 357 39.66 -11.96 23.20
C ASN A 357 38.17 -12.12 22.82
N GLY A 358 37.88 -12.76 21.69
CA GLY A 358 36.51 -13.03 21.30
C GLY A 358 35.79 -11.83 20.72
N SER A 359 36.53 -11.00 20.00
CA SER A 359 35.98 -9.83 19.31
C SER A 359 36.32 -9.93 17.82
N ILE A 360 35.83 -8.97 17.04
CA ILE A 360 35.95 -8.99 15.59
C ILE A 360 36.63 -7.72 15.10
N GLU A 361 37.68 -7.89 14.28
CA GLU A 361 38.26 -6.79 13.53
C GLU A 361 37.73 -6.83 12.10
N ALA A 362 37.06 -5.75 11.69
CA ALA A 362 36.62 -5.60 10.30
C ALA A 362 37.72 -4.89 9.54
N VAL A 363 38.46 -5.64 8.73
CA VAL A 363 39.58 -5.08 7.98
C VAL A 363 39.03 -4.56 6.66
N ILE A 364 39.27 -3.27 6.38
CA ILE A 364 38.78 -2.65 5.14
C ILE A 364 39.48 -3.22 3.91
N ALA A 365 38.69 -3.77 2.97
CA ALA A 365 39.20 -4.36 1.72
C ALA A 365 39.19 -3.34 0.59
N TYR A 366 38.10 -2.58 0.50
CA TYR A 366 37.99 -1.42 -0.36
C TYR A 366 36.91 -0.48 0.19
N SER A 367 36.92 0.77 -0.25
CA SER A 367 36.21 1.82 0.46
C SER A 367 35.68 2.85 -0.53
N GLY A 368 34.39 3.19 -0.39
CA GLY A 368 33.76 4.13 -1.29
C GLY A 368 32.88 5.17 -0.62
N VAL A 369 32.07 5.82 -1.45
CA VAL A 369 31.21 6.93 -1.06
C VAL A 369 29.77 6.54 -1.36
N GLN A 370 28.88 6.72 -0.40
CA GLN A 370 27.47 6.37 -0.61
C GLN A 370 26.72 7.45 -1.42
N ASP A 371 27.07 8.71 -1.20
CA ASP A 371 26.52 9.81 -1.97
C ASP A 371 27.54 10.95 -1.93
N TRP A 372 27.81 11.56 -3.08
CA TRP A 372 28.86 12.59 -3.19
C TRP A 372 28.38 14.02 -2.93
N GLY A 373 27.08 14.21 -2.68
CA GLY A 373 26.52 15.54 -2.56
C GLY A 373 26.06 15.91 -1.16
N ARG A 374 25.01 16.73 -1.10
CA ARG A 374 24.50 17.28 0.16
C ARG A 374 23.59 16.29 0.88
N SER A 375 24.12 15.12 1.20
CA SER A 375 23.38 14.12 1.97
C SER A 375 24.29 13.45 2.98
N TYR A 376 23.67 12.85 3.98
CA TYR A 376 24.39 12.30 5.12
C TYR A 376 23.42 11.44 5.92
N ALA A 377 23.96 10.68 6.89
CA ALA A 377 23.15 9.96 7.87
C ALA A 377 22.34 8.84 7.22
N TYR A 378 23.00 8.07 6.37
CA TYR A 378 22.35 6.93 5.73
C TYR A 378 22.10 5.82 6.75
N ALA A 379 20.90 5.27 6.70
CA ALA A 379 20.49 4.13 7.52
C ALA A 379 20.05 3.04 6.56
N SER A 380 20.33 1.78 6.90
CA SER A 380 19.84 0.67 6.13
C SER A 380 19.09 -0.30 7.02
N PHE A 381 18.14 -1.03 6.44
CA PHE A 381 17.32 -1.97 7.18
C PHE A 381 16.87 -3.12 6.29
N PRO A 382 16.60 -4.30 6.90
CA PRO A 382 16.19 -5.45 6.09
C PRO A 382 14.73 -5.37 5.66
N VAL A 383 14.46 -5.83 4.45
CA VAL A 383 13.10 -5.86 3.89
C VAL A 383 12.87 -7.24 3.30
N GLU A 384 11.63 -7.73 3.43
CA GLU A 384 11.24 -9.05 2.91
C GLU A 384 11.68 -9.27 1.48
N GLY A 385 12.02 -10.51 1.16
CA GLY A 385 12.54 -10.86 -0.16
C GLY A 385 14.04 -10.67 -0.28
N TYR A 386 14.76 -10.81 0.83
CA TYR A 386 16.21 -10.73 0.86
C TYR A 386 16.71 -9.38 0.31
N ARG A 387 16.16 -8.30 0.85
CA ARG A 387 16.55 -6.95 0.49
C ARG A 387 17.15 -6.22 1.69
N GLN A 388 18.10 -5.33 1.41
CA GLN A 388 18.59 -4.35 2.38
C GLN A 388 18.37 -2.99 1.73
N VAL A 389 17.59 -2.13 2.38
CA VAL A 389 17.17 -0.85 1.82
C VAL A 389 17.82 0.26 2.62
N SER A 390 18.33 1.28 1.92
CA SER A 390 19.10 2.37 2.52
C SER A 390 18.43 3.70 2.16
N VAL A 391 18.44 4.64 3.10
CA VAL A 391 17.89 5.97 2.87
C VAL A 391 18.69 6.96 3.72
N GLY A 392 18.86 8.17 3.21
CA GLY A 392 19.62 9.20 3.90
C GLY A 392 18.84 10.50 3.99
N TRP A 393 19.53 11.52 4.49
CA TRP A 393 18.97 12.86 4.67
C TRP A 393 19.67 13.82 3.72
N ILE A 394 18.87 14.57 2.96
CA ILE A 394 19.37 15.64 2.10
C ILE A 394 19.12 16.96 2.83
N TYR A 395 20.21 17.63 3.20
CA TYR A 395 20.10 18.95 3.84
C TYR A 395 19.89 20.04 2.78
N GLU A 396 19.52 21.23 3.21
CA GLU A 396 19.32 22.35 2.30
C GLU A 396 20.69 22.90 1.91
N ASP A 397 20.71 23.86 0.99
CA ASP A 397 21.95 24.61 0.72
C ASP A 397 21.75 26.09 1.07
N ASP A 398 21.51 26.31 2.37
CA ASP A 398 21.31 27.64 2.94
C ASP A 398 22.02 27.63 4.29
N ASP A 399 23.32 27.39 4.26
CA ASP A 399 24.11 27.19 5.48
C ASP A 399 24.21 28.41 6.38
N ASN A 400 24.00 29.61 5.85
CA ASN A 400 23.93 30.82 6.67
C ASN A 400 22.53 31.13 7.20
N VAL A 401 21.56 30.25 6.94
CA VAL A 401 20.22 30.33 7.53
C VAL A 401 19.52 31.65 7.15
N ILE A 402 19.63 32.00 5.87
CA ILE A 402 19.12 33.27 5.38
C ILE A 402 17.64 33.20 5.05
N LEU A 403 17.17 32.10 4.47
CA LEU A 403 15.76 31.95 4.09
C LEU A 403 15.04 30.77 4.77
N ALA A 404 15.65 30.20 5.81
CA ALA A 404 15.08 29.03 6.49
C ALA A 404 13.72 29.34 7.13
N LYS A 405 13.60 30.49 7.79
CA LYS A 405 12.33 30.90 8.38
C LYS A 405 11.25 31.11 7.32
N GLN A 406 11.64 31.71 6.20
CA GLN A 406 10.74 31.92 5.08
C GLN A 406 10.26 30.59 4.46
N PHE A 407 11.14 29.58 4.39
CA PHE A 407 10.72 28.23 4.00
C PHE A 407 9.69 27.68 5.00
N GLY A 408 10.00 27.79 6.28
CA GLY A 408 9.21 27.14 7.33
C GLY A 408 9.50 25.65 7.53
N TYR A 409 10.58 25.18 6.91
CA TYR A 409 11.03 23.78 7.04
C TYR A 409 12.49 23.71 6.59
N GLN A 410 13.17 22.62 6.98
CA GLN A 410 14.51 22.28 6.48
C GLN A 410 14.62 20.77 6.38
N GLY A 411 15.09 20.28 5.22
CA GLY A 411 15.50 18.91 5.03
C GLY A 411 14.48 18.02 4.34
N ALA A 412 14.98 16.94 3.76
CA ALA A 412 14.17 15.85 3.22
C ALA A 412 14.99 14.56 3.26
N PHE A 413 14.35 13.43 2.98
CA PHE A 413 15.09 12.19 2.73
C PHE A 413 15.58 12.15 1.29
N THR A 414 16.55 11.28 1.05
CA THR A 414 16.84 10.77 -0.29
C THR A 414 15.71 9.83 -0.70
N LEU A 415 15.79 9.28 -1.90
CA LEU A 415 14.96 8.14 -2.24
C LEU A 415 15.48 6.91 -1.50
N PHE A 416 14.61 5.90 -1.39
CA PHE A 416 14.97 4.63 -0.77
C PHE A 416 15.70 3.79 -1.81
N ARG A 417 16.79 3.18 -1.41
CA ARG A 417 17.71 2.51 -2.32
C ARG A 417 17.93 1.06 -1.92
N ASP A 418 17.73 0.14 -2.86
CA ASP A 418 18.16 -1.25 -2.66
C ASP A 418 19.67 -1.30 -2.72
N LEU A 419 20.28 -1.94 -1.73
CA LEU A 419 21.70 -2.25 -1.76
C LEU A 419 21.91 -3.67 -2.26
N PHE A 420 23.01 -3.88 -2.97
CA PHE A 420 23.37 -5.18 -3.50
C PHE A 420 24.85 -5.16 -3.88
N VAL A 421 25.40 -6.33 -4.18
CA VAL A 421 26.75 -6.40 -4.73
C VAL A 421 26.66 -6.22 -6.25
N LYS A 422 27.21 -5.12 -6.76
CA LYS A 422 27.27 -4.87 -8.20
C LYS A 422 28.45 -5.67 -8.73
N VAL A 423 28.19 -6.51 -9.74
CA VAL A 423 29.22 -7.34 -10.37
C VAL A 423 29.26 -6.98 -11.85
N VAL A 424 30.45 -6.64 -12.37
CA VAL A 424 30.63 -6.35 -13.78
C VAL A 424 31.57 -7.41 -14.33
N GLU A 425 31.08 -8.20 -15.28
CA GLU A 425 31.87 -9.28 -15.87
C GLU A 425 32.55 -8.83 -17.14
N ASN A 426 33.58 -9.57 -17.53
CA ASN A 426 34.30 -9.36 -18.78
C ASN A 426 34.87 -7.96 -18.92
N VAL A 427 35.43 -7.44 -17.83
CA VAL A 427 36.04 -6.12 -17.85
C VAL A 427 37.42 -6.25 -18.48
N SER A 428 37.72 -5.32 -19.37
CA SER A 428 39.03 -5.24 -20.03
C SER A 428 40.11 -4.79 -19.05
N PRO A 429 41.23 -5.53 -18.97
CA PRO A 429 42.39 -5.08 -18.20
C PRO A 429 42.99 -3.74 -18.60
N SER A 430 42.67 -3.22 -19.79
CA SER A 430 43.14 -1.90 -20.20
C SER A 430 42.29 -0.72 -19.68
N THR A 431 41.22 -1.01 -18.93
CA THR A 431 40.47 0.05 -18.24
C THR A 431 41.43 0.86 -17.39
N PRO A 432 41.55 2.18 -17.64
CA PRO A 432 42.50 2.99 -16.88
C PRO A 432 42.25 2.93 -15.37
N GLY A 433 43.33 2.76 -14.60
CA GLY A 433 43.26 2.76 -13.14
C GLY A 433 42.51 1.60 -12.50
N LEU A 434 42.30 0.51 -13.25
CA LEU A 434 41.46 -0.59 -12.79
C LEU A 434 42.02 -1.30 -11.56
N PHE A 435 43.35 -1.42 -11.48
CA PHE A 435 44.00 -2.20 -10.42
C PHE A 435 44.44 -1.37 -9.22
N GLU A 436 44.06 -0.09 -9.21
CA GLU A 436 44.08 0.67 -7.96
C GLU A 436 43.12 -0.04 -6.95
N GLN A 437 42.04 -0.65 -7.47
CA GLN A 437 41.00 -1.34 -6.66
C GLN A 437 40.51 -0.43 -5.51
N ALA A 438 40.19 0.80 -5.91
CA ALA A 438 39.89 1.90 -4.95
C ALA A 438 38.59 1.65 -4.14
N SER A 439 37.44 1.77 -4.81
CA SER A 439 36.13 1.46 -4.22
C SER A 439 35.54 0.20 -4.89
N TRP A 440 36.42 -0.69 -5.36
CA TRP A 440 35.99 -1.96 -5.98
C TRP A 440 37.09 -2.99 -5.82
N SER A 441 36.77 -4.27 -6.04
CA SER A 441 37.78 -5.33 -6.11
C SER A 441 37.81 -5.88 -7.53
N THR A 442 38.94 -6.49 -7.88
CA THR A 442 39.13 -7.13 -9.17
C THR A 442 39.50 -8.58 -8.94
N LYS A 443 38.98 -9.46 -9.79
CA LYS A 443 39.34 -10.87 -9.79
C LYS A 443 39.67 -11.23 -11.23
N ASN A 444 40.92 -11.56 -11.50
CA ASN A 444 41.33 -11.98 -12.84
C ASN A 444 40.72 -13.30 -13.25
N SER A 445 40.39 -13.43 -14.54
CA SER A 445 40.11 -14.72 -15.13
C SER A 445 41.37 -15.61 -15.07
N THR A 446 41.17 -16.92 -15.23
CA THR A 446 42.29 -17.88 -15.25
C THR A 446 43.40 -17.46 -16.21
N ASP A 447 43.02 -17.01 -17.41
CA ASP A 447 43.98 -16.61 -18.45
C ASP A 447 44.49 -15.15 -18.39
N GLY A 448 44.01 -14.37 -17.42
CA GLY A 448 44.47 -13.00 -17.21
C GLY A 448 44.01 -11.96 -18.22
N MET A 449 43.06 -12.34 -19.08
CA MET A 449 42.62 -11.47 -20.17
C MET A 449 41.26 -10.81 -19.93
N SER A 450 40.59 -11.17 -18.85
CA SER A 450 39.42 -10.42 -18.38
C SER A 450 39.37 -10.37 -16.87
N VAL A 451 38.57 -9.44 -16.37
CA VAL A 451 38.47 -9.16 -14.94
C VAL A 451 37.00 -9.12 -14.55
N THR A 452 36.69 -9.63 -13.36
CA THR A 452 35.39 -9.46 -12.75
C THR A 452 35.54 -8.37 -11.70
N VAL A 453 34.74 -7.30 -11.83
CA VAL A 453 34.75 -6.18 -10.88
C VAL A 453 33.58 -6.33 -9.92
N THR A 454 33.83 -6.10 -8.63
CA THR A 454 32.80 -6.15 -7.61
C THR A 454 32.83 -4.83 -6.82
N THR A 455 31.65 -4.27 -6.55
CA THR A 455 31.54 -3.06 -5.74
C THR A 455 30.15 -2.99 -5.11
N LEU A 456 29.90 -1.94 -4.34
CA LEU A 456 28.55 -1.73 -3.77
C LEU A 456 27.63 -1.17 -4.83
N GLY A 457 26.51 -1.86 -5.05
CA GLY A 457 25.47 -1.37 -5.92
C GLY A 457 24.38 -0.64 -5.13
N GLN A 458 23.84 0.42 -5.73
CA GLN A 458 22.66 1.13 -5.19
C GLN A 458 21.72 1.46 -6.33
N ARG A 459 20.43 1.18 -6.14
CA ARG A 459 19.41 1.57 -7.11
C ARG A 459 18.13 1.93 -6.37
N VAL A 460 17.36 2.82 -6.96
CA VAL A 460 16.11 3.26 -6.35
C VAL A 460 15.18 2.05 -6.28
N VAL A 461 14.51 1.89 -5.15
CA VAL A 461 13.61 0.76 -4.99
C VAL A 461 12.58 0.71 -6.14
N PRO A 462 12.32 -0.49 -6.66
CA PRO A 462 11.46 -0.58 -7.85
C PRO A 462 10.02 -0.10 -7.62
N GLU A 463 9.54 -0.18 -6.38
CA GLU A 463 8.21 0.32 -6.05
C GLU A 463 8.07 1.81 -6.38
N THR A 464 9.13 2.57 -6.10
CA THR A 464 9.13 4.01 -6.35
C THR A 464 9.20 4.31 -7.85
N LEU A 465 10.07 3.58 -8.55
CA LEU A 465 10.20 3.76 -10.00
C LEU A 465 8.89 3.43 -10.71
N ALA A 466 8.25 2.33 -10.32
CA ALA A 466 6.95 1.94 -10.92
C ALA A 466 5.86 2.97 -10.64
N ALA A 467 5.77 3.44 -9.39
CA ALA A 467 4.78 4.43 -9.02
C ALA A 467 5.02 5.77 -9.74
N TYR A 468 6.27 6.21 -9.78
CA TYR A 468 6.65 7.43 -10.52
C TYR A 468 6.25 7.35 -12.00
N LYS A 469 6.66 6.27 -12.65
CA LYS A 469 6.37 6.10 -14.08
C LYS A 469 4.86 6.06 -14.34
N GLY A 470 4.14 5.27 -13.56
CA GLY A 470 2.69 5.10 -13.74
C GLY A 470 1.86 6.35 -13.52
N ASN A 471 2.31 7.24 -12.64
CA ASN A 471 1.62 8.49 -12.36
C ASN A 471 2.09 9.68 -13.22
N SER A 472 3.17 9.50 -13.96
CA SER A 472 3.77 10.56 -14.77
C SER A 472 3.25 10.54 -16.22
N THR A 473 3.38 11.67 -16.90
CA THR A 473 3.30 11.71 -18.36
C THR A 473 4.69 11.29 -18.87
N VAL A 474 4.75 10.15 -19.53
CA VAL A 474 6.02 9.56 -19.99
C VAL A 474 6.26 9.92 -21.45
N SER A 475 7.42 10.50 -21.74
CA SER A 475 7.84 10.79 -23.11
C SER A 475 9.11 10.02 -23.41
N THR A 476 9.03 9.10 -24.37
CA THR A 476 10.19 8.38 -24.85
C THR A 476 10.76 9.21 -26.00
N LEU A 477 12.04 9.58 -25.87
CA LEU A 477 12.66 10.53 -26.80
C LEU A 477 13.55 9.80 -27.79
N ALA A 478 13.67 10.38 -28.99
CA ALA A 478 14.47 9.77 -30.05
C ALA A 478 15.95 9.85 -29.70
N PRO A 479 16.73 8.79 -30.04
CA PRO A 479 18.16 8.85 -29.76
C PRO A 479 18.85 9.93 -30.59
N VAL A 480 19.99 10.41 -30.10
CA VAL A 480 20.70 11.55 -30.69
C VAL A 480 22.19 11.25 -30.71
N MET A 481 22.86 11.65 -31.79
CA MET A 481 24.32 11.68 -31.83
C MET A 481 24.73 13.13 -31.60
N LEU A 482 25.55 13.35 -30.58
CA LEU A 482 26.12 14.67 -30.31
C LEU A 482 27.46 14.73 -31.06
N ASN A 483 27.51 15.57 -32.08
CA ASN A 483 28.67 15.67 -32.97
C ASN A 483 29.02 17.15 -33.21
N GLU A 484 29.63 17.47 -34.35
CA GLU A 484 29.97 18.86 -34.69
C GLU A 484 28.76 19.81 -34.73
N SER A 485 27.58 19.29 -35.03
CA SER A 485 26.37 20.12 -35.11
C SER A 485 25.65 20.34 -33.77
N ALA A 486 26.10 19.70 -32.69
CA ALA A 486 25.40 19.77 -31.42
C ALA A 486 25.56 21.15 -30.80
N ALA A 487 24.44 21.76 -30.39
CA ALA A 487 24.47 22.97 -29.60
C ALA A 487 24.98 22.64 -28.20
N ALA A 488 25.44 23.65 -27.47
CA ALA A 488 25.87 23.47 -26.08
C ALA A 488 24.73 22.87 -25.24
N TYR A 489 23.52 23.39 -25.46
CA TYR A 489 22.31 22.90 -24.79
C TYR A 489 21.23 22.63 -25.83
N THR A 490 20.65 21.43 -25.78
CA THR A 490 19.57 21.03 -26.68
C THR A 490 18.37 20.61 -25.82
N PRO A 491 17.32 21.45 -25.75
CA PRO A 491 16.12 21.05 -24.99
C PRO A 491 15.49 19.77 -25.51
N PHE A 492 14.96 18.94 -24.61
CA PHE A 492 14.21 17.75 -25.03
C PHE A 492 12.99 18.16 -25.84
N SER A 493 12.59 17.30 -26.78
CA SER A 493 11.40 17.55 -27.61
C SER A 493 10.11 17.66 -26.81
N SER A 494 10.05 16.99 -25.66
CA SER A 494 8.99 17.18 -24.68
C SER A 494 9.60 17.80 -23.43
N GLN A 495 8.88 18.73 -22.82
CA GLN A 495 9.39 19.48 -21.67
C GLN A 495 8.60 19.16 -20.40
N PRO A 496 9.25 19.27 -19.23
CA PRO A 496 8.51 19.19 -17.97
C PRO A 496 7.46 20.31 -17.83
N THR A 497 6.48 20.11 -16.97
CA THR A 497 5.46 21.12 -16.70
C THR A 497 5.62 21.79 -15.32
N ASP A 498 6.57 21.30 -14.52
CA ASP A 498 6.75 21.78 -13.14
C ASP A 498 8.10 21.23 -12.65
N ARG A 499 8.40 21.36 -11.35
CA ARG A 499 9.68 20.95 -10.80
C ARG A 499 9.68 19.52 -10.24
N PHE A 500 8.89 18.65 -10.84
CA PHE A 500 8.73 17.26 -10.36
C PHE A 500 8.81 16.35 -11.56
N TYR A 501 10.03 15.83 -11.80
CA TYR A 501 10.26 14.97 -12.94
C TYR A 501 11.49 14.11 -12.81
N ALA A 502 11.57 13.11 -13.67
CA ALA A 502 12.73 12.26 -13.78
C ALA A 502 13.15 12.10 -15.22
N LEU A 503 14.44 11.89 -15.43
CA LEU A 503 14.98 11.66 -16.76
C LEU A 503 16.08 10.62 -16.71
N THR A 504 16.23 9.88 -17.80
CA THR A 504 17.31 8.93 -17.92
C THR A 504 17.86 8.94 -19.34
N GLY A 505 19.10 8.49 -19.46
CA GLY A 505 19.77 8.39 -20.75
C GLY A 505 21.02 7.53 -20.65
N SER A 506 21.41 6.93 -21.78
CA SER A 506 22.66 6.16 -21.87
C SER A 506 23.57 6.92 -22.79
N PHE A 507 24.72 7.32 -22.27
CA PHE A 507 25.69 8.12 -22.99
C PHE A 507 26.86 7.23 -23.39
N GLU A 508 27.05 7.04 -24.69
CA GLU A 508 28.11 6.17 -25.22
C GLU A 508 29.26 7.03 -25.71
N PHE A 509 30.44 6.80 -25.14
CA PHE A 509 31.63 7.59 -25.43
C PHE A 509 32.68 6.73 -26.10
N GLY A 510 33.48 7.34 -26.97
CA GLY A 510 34.71 6.70 -27.44
C GLY A 510 35.68 6.47 -26.30
N LEU A 511 36.51 5.43 -26.41
CA LEU A 511 37.45 5.07 -25.35
C LEU A 511 38.50 6.14 -25.05
N ASN A 512 38.81 6.98 -26.02
CA ASN A 512 39.77 8.08 -25.83
C ASN A 512 39.11 9.45 -25.99
N THR A 513 37.82 9.54 -25.69
CA THR A 513 37.08 10.80 -25.82
C THR A 513 37.66 11.90 -24.94
N THR A 514 37.55 13.14 -25.38
CA THR A 514 37.73 14.31 -24.52
C THR A 514 36.46 15.15 -24.50
N ALA A 515 35.35 14.58 -24.99
CA ALA A 515 34.07 15.28 -25.01
C ALA A 515 33.40 15.16 -23.64
N LYS A 516 32.51 16.10 -23.34
CA LYS A 516 31.69 16.07 -22.13
C LYS A 516 30.25 16.10 -22.56
N ALA A 517 29.39 15.41 -21.81
CA ALA A 517 27.97 15.46 -22.06
C ALA A 517 27.18 15.22 -20.78
N GLY A 518 25.90 15.55 -20.82
CA GLY A 518 25.05 15.34 -19.67
C GLY A 518 23.68 15.96 -19.83
N PHE A 519 23.11 16.42 -18.72
CA PHE A 519 21.75 16.94 -18.67
C PHE A 519 21.73 18.30 -18.00
N ARG A 520 21.00 19.23 -18.60
CA ARG A 520 20.63 20.48 -17.96
C ARG A 520 19.22 20.32 -17.41
N VAL A 521 19.00 20.76 -16.17
CA VAL A 521 17.68 20.68 -15.54
C VAL A 521 17.31 21.99 -14.85
N LEU A 522 16.02 22.11 -14.48
CA LEU A 522 15.45 23.31 -13.85
C LEU A 522 15.89 24.58 -14.60
N ALA A 523 15.65 24.55 -15.91
CA ALA A 523 16.26 25.49 -16.84
C ALA A 523 15.27 26.45 -17.50
N SER A 524 15.60 27.73 -17.42
CA SER A 524 15.04 28.77 -18.29
C SER A 524 16.27 29.42 -18.95
N GLU A 525 16.07 30.53 -19.68
CA GLU A 525 17.20 31.27 -20.24
C GLU A 525 18.14 31.79 -19.16
N GLU A 526 17.58 32.22 -18.03
CA GLU A 526 18.35 32.90 -16.98
C GLU A 526 18.80 32.04 -15.80
N GLU A 527 18.16 30.90 -15.57
CA GLU A 527 18.52 29.99 -14.49
C GLU A 527 18.55 28.57 -15.02
N TYR A 528 19.55 27.81 -14.58
CA TYR A 528 19.69 26.41 -14.99
C TYR A 528 20.77 25.73 -14.17
N THR A 529 20.69 24.41 -14.11
CA THR A 529 21.64 23.56 -13.38
C THR A 529 22.19 22.52 -14.34
N ASP A 530 23.51 22.45 -14.45
CA ASP A 530 24.18 21.62 -15.44
C ASP A 530 24.85 20.41 -14.81
N ILE A 531 24.46 19.23 -15.27
CA ILE A 531 25.02 17.97 -14.81
C ILE A 531 25.90 17.41 -15.93
N TRP A 532 27.21 17.41 -15.73
CA TRP A 532 28.18 17.00 -16.76
C TRP A 532 28.90 15.73 -16.36
N PHE A 533 29.17 14.86 -17.34
CA PHE A 533 30.19 13.85 -17.15
C PHE A 533 31.33 14.09 -18.14
N ASP A 534 32.56 13.96 -17.62
CA ASP A 534 33.79 14.22 -18.37
C ASP A 534 34.63 12.95 -18.26
N PRO A 535 34.44 12.00 -19.19
CA PRO A 535 35.16 10.72 -19.10
C PRO A 535 36.68 10.83 -18.98
N ALA A 536 37.29 11.83 -19.62
CA ALA A 536 38.76 12.00 -19.54
C ALA A 536 39.28 12.22 -18.12
N SER A 537 38.51 12.96 -17.32
CA SER A 537 38.86 13.19 -15.90
C SER A 537 38.16 12.22 -14.92
N GLU A 538 37.16 11.49 -15.41
CA GLU A 538 36.33 10.56 -14.61
C GLU A 538 35.45 11.30 -13.60
N ASN A 539 35.11 12.55 -13.92
CA ASN A 539 34.37 13.42 -13.01
C ASN A 539 32.95 13.67 -13.49
N LEU A 540 32.00 13.39 -12.61
CA LEU A 540 30.62 13.80 -12.76
C LEU A 540 30.46 15.07 -11.94
N THR A 541 30.04 16.17 -12.57
CA THR A 541 29.91 17.44 -11.87
C THR A 541 28.50 18.00 -11.99
N VAL A 542 28.10 18.78 -10.99
CA VAL A 542 26.89 19.57 -11.05
C VAL A 542 27.30 21.03 -10.86
N VAL A 543 27.20 21.80 -11.95
CA VAL A 543 27.60 23.20 -11.94
C VAL A 543 26.36 24.02 -11.65
N ARG A 544 26.45 24.83 -10.59
CA ARG A 544 25.32 25.53 -10.03
C ARG A 544 25.51 27.05 -9.98
N THR A 545 26.47 27.56 -10.75
CA THR A 545 26.73 28.99 -10.84
C THR A 545 25.51 29.78 -11.33
N ALA A 546 24.68 29.16 -12.16
CA ALA A 546 23.45 29.79 -12.65
C ALA A 546 22.17 29.13 -12.11
N SER A 547 22.28 28.27 -11.09
CA SER A 547 21.07 27.56 -10.59
C SER A 547 19.95 28.50 -10.16
N SER A 548 20.30 29.63 -9.55
CA SER A 548 19.30 30.57 -9.06
C SER A 548 19.75 32.03 -9.12
N LEU A 549 18.81 32.91 -9.40
CA LEU A 549 18.98 34.36 -9.22
C LEU A 549 19.10 34.76 -7.74
N ILE A 550 18.64 33.90 -6.82
CA ILE A 550 18.74 34.16 -5.39
C ILE A 550 20.16 33.80 -4.95
N LYS A 551 20.94 34.79 -4.52
CA LYS A 551 22.38 34.60 -4.32
C LYS A 551 22.78 33.99 -2.97
N SER A 552 21.85 33.92 -2.03
CA SER A 552 22.17 33.39 -0.69
C SER A 552 22.27 31.86 -0.64
N PHE A 553 21.70 31.16 -1.62
CA PHE A 553 21.83 29.70 -1.69
C PHE A 553 23.20 29.30 -2.22
N GLY A 554 23.68 28.12 -1.82
CA GLY A 554 24.98 27.64 -2.29
C GLY A 554 25.03 27.49 -3.80
N ASN A 555 26.18 27.81 -4.38
CA ASN A 555 26.38 27.69 -5.83
C ASN A 555 27.69 27.00 -6.19
N ASP A 556 28.29 26.27 -5.25
CA ASP A 556 29.52 25.54 -5.51
C ASP A 556 29.25 24.30 -6.38
N THR A 557 30.27 23.90 -7.12
CA THR A 557 30.19 22.75 -8.02
C THR A 557 30.27 21.45 -7.23
N GLU A 558 29.31 20.55 -7.45
CA GLU A 558 29.35 19.20 -6.87
C GLU A 558 30.23 18.34 -7.75
N LEU A 559 30.85 17.33 -7.15
CA LEU A 559 31.73 16.41 -7.87
C LEU A 559 31.65 14.99 -7.34
N ALA A 560 31.48 14.04 -8.26
CA ALA A 560 31.63 12.61 -7.98
C ALA A 560 32.62 11.97 -8.96
N LYS A 561 33.37 10.97 -8.49
CA LYS A 561 34.20 10.14 -9.38
C LYS A 561 33.34 8.98 -9.90
N VAL A 562 33.45 8.67 -11.18
CA VAL A 562 32.75 7.53 -11.78
C VAL A 562 33.72 6.74 -12.65
N LYS A 563 33.89 5.45 -12.34
CA LYS A 563 34.75 4.55 -13.12
C LYS A 563 33.91 3.86 -14.17
N LEU A 564 34.18 4.14 -15.45
CA LEU A 564 33.53 3.41 -16.54
C LEU A 564 34.36 2.16 -16.81
N TYR A 565 33.88 1.02 -16.36
CA TYR A 565 34.57 -0.26 -16.54
C TYR A 565 34.38 -0.65 -18.00
N GLU A 566 35.48 -0.70 -18.74
CA GLU A 566 35.45 -0.98 -20.17
C GLU A 566 35.34 -2.48 -20.38
N ILE A 567 34.49 -2.89 -21.32
CA ILE A 567 34.18 -4.30 -21.51
C ILE A 567 35.05 -4.87 -22.63
N VAL A 568 35.50 -6.11 -22.46
CA VAL A 568 36.39 -6.77 -23.43
C VAL A 568 35.69 -6.76 -24.78
N GLY A 569 36.38 -6.27 -25.80
CA GLY A 569 35.84 -6.21 -27.16
C GLY A 569 35.06 -4.97 -27.52
N ALA A 570 34.72 -4.14 -26.53
CA ALA A 570 33.96 -2.92 -26.78
C ALA A 570 34.88 -1.86 -27.35
N GLU A 571 34.35 -1.03 -28.25
CA GLU A 571 35.06 0.13 -28.78
C GLU A 571 34.44 1.42 -28.26
N SER A 572 33.75 1.31 -27.13
CA SER A 572 33.14 2.46 -26.48
C SER A 572 32.94 2.15 -25.00
N LYS A 573 32.58 3.18 -24.24
CA LYS A 573 32.27 3.04 -22.81
C LYS A 573 31.01 3.86 -22.52
N THR A 574 30.15 3.33 -21.64
CA THR A 574 28.79 3.86 -21.47
C THR A 574 28.51 4.33 -20.04
N LEU A 575 27.88 5.50 -19.94
CA LEU A 575 27.36 6.05 -18.69
C LEU A 575 25.83 6.03 -18.77
N ASN A 576 25.20 5.30 -17.87
CA ASN A 576 23.76 5.35 -17.69
C ASN A 576 23.45 6.31 -16.56
N LEU A 577 22.79 7.41 -16.90
CA LEU A 577 22.63 8.53 -15.98
C LEU A 577 21.16 8.77 -15.78
N THR A 578 20.72 8.76 -14.52
CA THR A 578 19.32 9.01 -14.15
C THR A 578 19.27 10.19 -13.18
N VAL A 579 18.32 11.10 -13.39
CA VAL A 579 18.18 12.30 -12.56
C VAL A 579 16.74 12.45 -12.11
N PHE A 580 16.56 12.64 -10.79
CA PHE A 580 15.27 12.99 -10.22
C PHE A 580 15.31 14.45 -9.79
N VAL A 581 14.30 15.20 -10.24
CA VAL A 581 14.12 16.61 -9.90
C VAL A 581 12.82 16.69 -9.09
N ASP A 582 12.91 17.20 -7.87
CA ASP A 582 11.79 17.16 -6.94
C ASP A 582 11.82 18.40 -6.06
N GLY A 583 11.18 19.46 -6.55
CA GLY A 583 11.21 20.75 -5.89
C GLY A 583 12.57 21.36 -6.07
N SER A 584 13.36 21.35 -5.00
CA SER A 584 14.75 21.79 -5.02
C SER A 584 15.76 20.65 -5.03
N VAL A 585 15.30 19.41 -4.82
CA VAL A 585 16.22 18.27 -4.82
C VAL A 585 16.56 17.88 -6.25
N ILE A 586 17.85 17.69 -6.50
CA ILE A 586 18.34 17.04 -7.71
C ILE A 586 19.12 15.82 -7.22
N GLU A 587 18.65 14.63 -7.57
CA GLU A 587 19.23 13.40 -7.09
C GLU A 587 19.62 12.54 -8.28
N ILE A 588 20.92 12.29 -8.39
CA ILE A 588 21.53 11.73 -9.59
C ILE A 588 22.06 10.34 -9.29
N TYR A 589 21.79 9.40 -10.19
CA TYR A 589 22.31 8.04 -10.12
C TYR A 589 23.05 7.68 -11.40
N ALA A 590 24.24 7.11 -11.27
CA ALA A 590 25.02 6.64 -12.43
C ALA A 590 25.39 5.17 -12.29
N ASN A 591 25.01 4.39 -13.30
CA ASN A 591 25.40 2.97 -13.40
C ASN A 591 25.07 2.12 -12.16
N ASP A 592 23.96 2.45 -11.49
CA ASP A 592 23.54 1.75 -10.26
C ASP A 592 24.67 1.64 -9.24
N GLU A 593 25.46 2.71 -9.13
CA GLU A 593 26.69 2.70 -8.36
C GLU A 593 26.95 4.04 -7.68
N VAL A 594 26.94 5.12 -8.47
CA VAL A 594 27.29 6.45 -7.99
C VAL A 594 26.02 7.24 -7.76
N ALA A 595 25.91 7.85 -6.58
CA ALA A 595 24.78 8.72 -6.25
C ALA A 595 25.28 10.09 -5.84
N LEU A 596 24.57 11.12 -6.27
CA LEU A 596 24.90 12.50 -5.92
C LEU A 596 23.60 13.29 -5.75
N SER A 597 23.34 13.72 -4.51
CA SER A 597 22.16 14.51 -4.15
C SER A 597 22.57 15.97 -3.98
N THR A 598 21.83 16.89 -4.57
CA THR A 598 22.14 18.30 -4.37
C THR A 598 20.86 19.15 -4.39
N ARG A 599 21.03 20.47 -4.33
CA ARG A 599 19.94 21.41 -4.23
C ARG A 599 20.07 22.55 -5.25
N ALA A 600 18.96 22.95 -5.83
CA ALA A 600 18.89 24.13 -6.70
C ALA A 600 17.58 24.84 -6.44
N TYR A 601 17.63 26.16 -6.30
CA TYR A 601 16.46 26.95 -5.92
C TYR A 601 16.18 28.10 -6.90
N PRO A 602 15.98 27.79 -8.20
CA PRO A 602 15.63 28.88 -9.13
C PRO A 602 14.35 29.62 -8.73
N TRP A 603 14.36 30.93 -8.88
CA TRP A 603 13.21 31.76 -8.55
C TRP A 603 12.10 31.72 -9.61
N LEU A 604 12.48 31.79 -10.88
CA LEU A 604 11.50 32.00 -11.95
C LEU A 604 10.61 30.78 -12.13
N ALA A 605 9.32 31.03 -12.32
CA ALA A 605 8.32 29.99 -12.51
C ALA A 605 8.61 29.09 -13.71
N ASN A 606 9.24 29.65 -14.76
CA ASN A 606 9.55 28.87 -15.96
C ASN A 606 10.94 28.20 -15.96
N SER A 607 11.66 28.24 -14.84
CA SER A 607 12.95 27.55 -14.73
C SER A 607 12.73 26.06 -14.39
N THR A 608 12.06 25.37 -15.31
CA THR A 608 11.69 23.96 -15.16
C THR A 608 12.17 23.08 -16.31
N GLY A 609 12.73 23.67 -17.36
CA GLY A 609 13.08 22.93 -18.57
C GLY A 609 14.24 21.98 -18.41
N ALA A 610 14.40 21.09 -19.38
CA ALA A 610 15.49 20.13 -19.37
C ALA A 610 15.91 19.72 -20.78
N GLY A 611 17.15 19.26 -20.89
CA GLY A 611 17.69 18.79 -22.15
C GLY A 611 19.11 18.29 -22.04
N LEU A 612 19.75 18.12 -23.20
CA LEU A 612 21.08 17.54 -23.28
C LEU A 612 22.16 18.61 -23.32
N LEU A 613 23.28 18.31 -22.67
CA LEU A 613 24.46 19.15 -22.66
C LEU A 613 25.55 18.47 -23.49
N ALA A 614 26.31 19.27 -24.23
CA ALA A 614 27.39 18.76 -25.06
C ALA A 614 28.54 19.77 -25.07
N ASP A 615 29.76 19.28 -24.87
CA ASP A 615 30.96 20.12 -24.96
C ASP A 615 32.07 19.36 -25.63
N GLY A 616 32.68 19.98 -26.64
CA GLY A 616 33.78 19.35 -27.37
C GLY A 616 33.38 18.14 -28.19
N THR A 617 32.11 18.04 -28.58
CA THR A 617 31.67 16.99 -29.50
C THR A 617 31.95 17.47 -30.92
N THR A 618 32.49 16.58 -31.73
CA THR A 618 32.92 16.88 -33.09
C THR A 618 32.48 15.75 -34.04
N ALA A 619 32.83 15.88 -35.32
CA ALA A 619 32.60 14.81 -36.29
C ALA A 619 33.34 13.52 -35.91
N GLY A 620 34.50 13.66 -35.29
CA GLY A 620 35.34 12.53 -34.87
C GLY A 620 35.13 12.08 -33.44
N ASP A 621 34.73 13.00 -32.54
CA ASP A 621 34.54 12.68 -31.12
C ASP A 621 33.05 12.81 -30.82
N VAL A 622 32.33 11.72 -31.05
CA VAL A 622 30.87 11.71 -31.04
C VAL A 622 30.38 11.05 -29.74
N VAL A 623 29.35 11.64 -29.14
CA VAL A 623 28.68 11.01 -27.99
C VAL A 623 27.29 10.56 -28.44
N GLY A 624 27.04 9.25 -28.35
CA GLY A 624 25.75 8.69 -28.70
C GLY A 624 24.88 8.68 -27.46
N VAL A 625 23.68 9.22 -27.57
CA VAL A 625 22.73 9.24 -26.46
C VAL A 625 21.49 8.46 -26.87
N SER A 626 21.16 7.44 -26.09
CA SER A 626 20.00 6.57 -26.35
C SER A 626 19.28 6.25 -25.05
N GLY A 627 18.17 5.52 -25.16
CA GLY A 627 17.35 5.18 -24.00
C GLY A 627 16.84 6.40 -23.24
N LEU A 628 16.59 7.48 -23.98
CA LEU A 628 16.17 8.75 -23.37
C LEU A 628 14.69 8.71 -23.03
N GLU A 629 14.36 9.10 -21.81
CA GLU A 629 12.99 9.11 -21.34
C GLU A 629 12.79 10.16 -20.26
N LEU A 630 11.66 10.89 -20.35
CA LEU A 630 11.25 11.88 -19.38
C LEU A 630 9.97 11.40 -18.71
N TRP A 631 9.94 11.44 -17.38
CA TRP A 631 8.71 11.22 -16.61
C TRP A 631 8.32 12.55 -15.98
N ASP A 632 7.23 13.15 -16.44
CA ASP A 632 6.76 14.42 -15.91
C ASP A 632 5.65 14.20 -14.88
N GLY A 633 5.91 14.64 -13.65
CA GLY A 633 4.89 14.68 -12.60
C GLY A 633 5.25 13.90 -11.34
N LEU A 634 5.83 12.72 -11.52
CA LEU A 634 6.12 11.79 -10.42
C LEU A 634 4.84 11.47 -9.62
N VAL A 635 4.93 11.42 -8.29
CA VAL A 635 3.83 11.00 -7.41
C VAL A 635 3.73 12.03 -6.28
N ASP A 636 2.51 12.32 -5.84
CA ASP A 636 2.28 13.05 -4.61
C ASP A 636 2.54 12.07 -3.44
N ALA A 637 3.71 12.20 -2.80
CA ALA A 637 4.11 11.25 -1.75
C ALA A 637 3.30 11.35 -0.44
N TRP A 638 2.60 12.46 -0.22
CA TRP A 638 1.83 12.68 1.00
C TRP A 638 0.39 13.08 0.67
N PRO A 639 -0.39 12.12 0.15
CA PRO A 639 -1.72 12.44 -0.37
C PRO A 639 -2.69 13.04 0.64
N ALA A 640 -2.55 12.71 1.92
CA ALA A 640 -3.44 13.26 2.95
C ALA A 640 -3.04 14.68 3.39
N ARG A 641 -1.83 15.12 3.07
CA ARG A 641 -1.38 16.46 3.48
C ARG A 641 -1.88 17.51 2.51
N PRO A 642 -2.36 18.65 3.03
CA PRO A 642 -2.57 19.80 2.12
C PRO A 642 -1.23 20.35 1.63
N ALA A 643 -1.28 21.27 0.67
CA ALA A 643 -0.07 21.87 0.10
C ALA A 643 0.77 22.57 1.15
N ASN A 644 0.12 23.30 2.06
CA ASN A 644 0.79 24.00 3.14
C ASN A 644 0.47 23.36 4.49
N THR A 645 1.44 22.60 5.01
CA THR A 645 1.33 21.99 6.33
C THR A 645 2.14 22.74 7.41
N SER A 646 2.54 23.98 7.14
CA SER A 646 3.13 24.81 8.17
C SER A 646 2.15 24.99 9.34
N GLN A 647 2.68 24.99 10.55
CA GLN A 647 1.92 25.39 11.74
C GLN A 647 2.53 26.63 12.35
N GLY A 648 3.30 27.39 11.57
CA GLY A 648 4.03 28.54 12.08
C GLY A 648 5.32 28.13 12.76
N LEU A 649 6.11 29.14 13.13
CA LEU A 649 7.38 28.91 13.80
C LEU A 649 7.38 29.60 15.15
N VAL A 650 8.15 29.06 16.09
CA VAL A 650 8.21 29.60 17.44
C VAL A 650 9.64 29.81 17.88
N TRP A 651 9.80 30.69 18.87
CA TRP A 651 11.07 30.94 19.48
C TRP A 651 11.04 30.39 20.90
N ASP A 652 12.11 29.72 21.30
CA ASP A 652 12.23 29.17 22.67
C ASP A 652 12.39 30.25 23.75
N GLY A 653 12.78 31.45 23.33
CA GLY A 653 12.94 32.57 24.24
C GLY A 653 14.36 32.68 24.78
N PRO A 654 14.59 33.62 25.70
CA PRO A 654 15.95 33.87 26.20
C PRO A 654 16.62 32.69 26.92
N THR A 655 15.84 31.74 27.44
CA THR A 655 16.44 30.58 28.11
C THR A 655 17.23 29.67 27.14
N ALA A 656 16.96 29.71 25.85
CA ALA A 656 17.68 28.84 24.92
C ALA A 656 19.19 29.12 25.01
N ALA A 657 19.57 30.39 25.02
CA ALA A 657 20.98 30.78 25.16
C ALA A 657 21.53 30.48 26.56
N MET A 658 20.70 30.55 27.59
CA MET A 658 21.11 30.21 28.94
C MET A 658 21.46 28.72 29.08
N TYR A 659 20.60 27.85 28.54
CA TYR A 659 20.84 26.40 28.59
C TYR A 659 21.98 26.03 27.65
N GLY A 660 22.09 26.72 26.52
CA GLY A 660 23.21 26.53 25.59
C GLY A 660 23.16 25.24 24.78
N LEU A 661 22.00 24.60 24.71
CA LEU A 661 21.86 23.29 24.06
C LEU A 661 21.35 23.39 22.64
N PHE A 662 20.39 24.27 22.41
CA PHE A 662 19.69 24.41 21.13
C PHE A 662 19.72 25.87 20.71
N ALA A 663 19.77 26.13 19.40
CA ALA A 663 19.70 27.51 18.89
C ALA A 663 18.47 28.25 19.43
N GLY A 664 17.33 27.56 19.49
CA GLY A 664 16.10 28.09 20.03
C GLY A 664 15.06 28.50 19.00
N TYR A 665 15.38 28.34 17.72
CA TYR A 665 14.47 28.71 16.63
C TYR A 665 14.61 27.71 15.51
N CYS B 42 -11.87 -36.29 18.92
CA CYS B 42 -11.82 -35.54 17.64
C CYS B 42 -10.48 -35.76 16.93
N SER B 43 -10.53 -36.50 15.82
CA SER B 43 -9.38 -36.69 14.97
C SER B 43 -9.39 -35.58 13.90
N LEU B 44 -8.22 -34.98 13.70
CA LEU B 44 -8.01 -34.02 12.62
C LEU B 44 -7.17 -34.65 11.50
N ASP B 45 -7.25 -35.98 11.37
CA ASP B 45 -6.50 -36.69 10.33
C ASP B 45 -7.23 -36.51 9.00
N GLN B 46 -6.68 -35.68 8.12
CA GLN B 46 -7.24 -35.43 6.79
C GLN B 46 -6.72 -36.37 5.69
N THR B 47 -6.07 -37.47 6.08
CA THR B 47 -5.71 -38.55 5.14
C THR B 47 -6.71 -39.70 5.17
N VAL B 48 -7.66 -39.66 6.10
CA VAL B 48 -8.71 -40.67 6.21
C VAL B 48 -10.07 -39.98 6.28
N ALA B 49 -11.13 -40.77 6.20
CA ALA B 49 -12.50 -40.25 6.24
C ALA B 49 -12.73 -39.45 7.54
N PRO B 50 -13.56 -38.39 7.47
CA PRO B 50 -13.81 -37.59 8.67
C PRO B 50 -14.65 -38.38 9.67
N GLY B 51 -14.35 -38.22 10.95
CA GLY B 51 -15.17 -38.79 11.99
C GLY B 51 -16.38 -37.92 12.25
N ASN B 52 -16.86 -38.01 13.48
CA ASN B 52 -17.93 -37.15 13.95
C ASN B 52 -17.28 -35.84 14.40
N LEU B 53 -17.25 -34.86 13.51
CA LEU B 53 -16.58 -33.59 13.79
C LEU B 53 -17.33 -32.71 14.81
N THR B 54 -18.59 -33.01 15.10
CA THR B 54 -19.32 -32.29 16.15
C THR B 54 -18.75 -32.55 17.56
N LEU B 55 -17.94 -33.60 17.71
CA LEU B 55 -17.23 -33.86 18.96
C LEU B 55 -16.00 -32.97 19.15
N CYS B 56 -15.56 -32.30 18.08
CA CYS B 56 -14.39 -31.41 18.17
C CYS B 56 -14.70 -30.14 18.96
N GLY B 57 -13.66 -29.60 19.61
CA GLY B 57 -13.78 -28.42 20.44
C GLY B 57 -13.94 -27.15 19.63
N ASN B 58 -14.18 -26.05 20.34
CA ASN B 58 -14.35 -24.73 19.72
C ASN B 58 -13.09 -24.33 18.97
N ALA B 59 -13.27 -23.89 17.73
CA ALA B 59 -12.16 -23.37 16.90
C ALA B 59 -11.07 -24.41 16.60
N THR B 60 -11.36 -25.70 16.77
CA THR B 60 -10.39 -26.74 16.42
C THR B 60 -10.29 -26.91 14.90
N LEU B 61 -11.32 -26.50 14.17
CA LEU B 61 -11.28 -26.46 12.71
C LEU B 61 -11.05 -25.03 12.15
N PHE B 62 -10.38 -24.17 12.91
CA PHE B 62 -10.23 -22.76 12.52
C PHE B 62 -9.52 -22.59 11.17
N THR B 63 -8.41 -23.29 10.98
CA THR B 63 -7.63 -23.13 9.75
C THR B 63 -8.04 -24.08 8.62
N THR B 64 -8.87 -25.08 8.91
CA THR B 64 -9.12 -26.19 7.98
C THR B 64 -9.72 -25.74 6.65
N PHE B 65 -10.71 -24.87 6.71
CA PHE B 65 -11.45 -24.41 5.54
C PHE B 65 -11.36 -22.90 5.31
N ARG B 66 -10.44 -22.23 6.00
CA ARG B 66 -10.50 -20.79 6.14
C ARG B 66 -9.87 -20.07 4.96
N PRO B 67 -10.59 -19.10 4.35
CA PRO B 67 -9.93 -18.27 3.33
C PRO B 67 -8.70 -17.55 3.86
N LYS B 68 -7.70 -17.40 3.01
CA LYS B 68 -6.46 -16.68 3.32
C LYS B 68 -6.18 -15.45 2.45
N ALA B 69 -6.83 -15.34 1.30
CA ALA B 69 -6.49 -14.36 0.28
C ALA B 69 -7.52 -13.24 0.12
N ARG B 70 -8.41 -13.08 1.10
CA ARG B 70 -9.51 -12.12 1.03
C ARG B 70 -9.82 -11.48 2.38
N PHE B 71 -10.70 -10.50 2.34
CA PHE B 71 -11.15 -9.83 3.55
C PHE B 71 -12.00 -10.78 4.39
N ILE B 72 -11.64 -10.90 5.65
CA ILE B 72 -12.37 -11.72 6.62
C ILE B 72 -12.03 -11.17 8.00
N ALA B 73 -12.98 -11.25 8.93
CA ALA B 73 -12.74 -10.84 10.32
C ALA B 73 -11.64 -11.70 10.97
N PRO B 74 -11.00 -11.21 12.03
CA PRO B 74 -10.02 -12.07 12.73
C PRO B 74 -10.62 -13.37 13.28
N GLU B 75 -11.88 -13.31 13.71
CA GLU B 75 -12.57 -14.47 14.27
C GLU B 75 -14.03 -14.12 14.45
N GLY B 76 -14.83 -15.14 14.73
CA GLY B 76 -16.22 -14.94 15.06
C GLY B 76 -17.11 -14.64 13.87
N TRP B 77 -18.27 -14.08 14.16
CA TRP B 77 -19.30 -13.83 13.19
C TRP B 77 -19.06 -12.51 12.45
N MET B 78 -19.19 -12.54 11.13
CA MET B 78 -19.28 -11.32 10.34
C MET B 78 -20.42 -11.43 9.33
N ASN B 79 -21.00 -10.30 8.97
CA ASN B 79 -21.89 -10.26 7.80
C ASN B 79 -21.58 -9.04 6.90
N ALA B 80 -22.53 -8.12 6.71
CA ALA B 80 -22.47 -7.13 5.65
C ALA B 80 -21.28 -6.19 5.74
N PRO B 81 -20.63 -5.88 4.58
CA PRO B 81 -19.75 -4.72 4.55
C PRO B 81 -20.49 -3.43 4.90
N MET B 82 -19.77 -2.48 5.49
CA MET B 82 -20.34 -1.18 5.86
C MET B 82 -19.25 -0.13 5.96
N GLY B 83 -19.65 1.13 6.00
CA GLY B 83 -18.74 2.25 6.25
C GLY B 83 -17.56 2.33 5.31
N LEU B 84 -17.78 1.94 4.05
CA LEU B 84 -16.71 1.87 3.06
C LEU B 84 -16.36 3.26 2.55
N TYR B 85 -15.07 3.63 2.61
CA TYR B 85 -14.62 4.87 1.99
C TYR B 85 -13.13 4.87 1.73
N GLN B 86 -12.73 5.64 0.73
CA GLN B 86 -11.33 5.90 0.46
C GLN B 86 -10.89 7.07 1.32
N ARG B 87 -9.91 6.83 2.17
CA ARG B 87 -9.43 7.84 3.11
C ARG B 87 -8.57 8.88 2.39
N ALA B 88 -8.27 9.96 3.08
CA ALA B 88 -7.49 11.07 2.48
C ALA B 88 -6.11 10.63 1.97
N ASP B 89 -5.50 9.63 2.61
CA ASP B 89 -4.20 9.11 2.15
C ASP B 89 -4.28 8.12 0.98
N GLY B 90 -5.50 7.88 0.46
CA GLY B 90 -5.71 6.97 -0.64
C GLY B 90 -6.00 5.54 -0.25
N SER B 91 -5.78 5.18 1.02
CA SER B 91 -6.11 3.84 1.51
C SER B 91 -7.63 3.65 1.61
N ILE B 92 -8.03 2.39 1.67
CA ILE B 92 -9.43 1.99 1.74
C ILE B 92 -9.77 1.60 3.17
N HIS B 93 -10.80 2.24 3.73
CA HIS B 93 -11.37 1.84 5.02
C HIS B 93 -12.55 0.93 4.72
N ALA B 94 -12.55 -0.26 5.31
CA ALA B 94 -13.66 -1.19 5.20
C ALA B 94 -14.16 -1.57 6.58
N GLY B 95 -15.44 -1.31 6.81
CA GLY B 95 -16.14 -1.80 7.98
C GLY B 95 -16.93 -3.05 7.67
N TYR B 96 -17.35 -3.74 8.71
CA TYR B 96 -18.24 -4.90 8.56
C TYR B 96 -19.04 -5.17 9.81
N GLN B 97 -20.24 -5.68 9.60
CA GLN B 97 -21.11 -6.15 10.69
C GLN B 97 -20.38 -7.30 11.38
N SER B 98 -20.20 -7.19 12.70
CA SER B 98 -19.29 -8.04 13.45
C SER B 98 -19.86 -8.43 14.82
N HIS B 99 -19.69 -9.71 15.17
CA HIS B 99 -19.99 -10.23 16.52
C HIS B 99 -18.84 -11.14 16.96
N PRO B 100 -17.79 -10.54 17.54
CA PRO B 100 -16.61 -11.30 17.99
C PRO B 100 -16.94 -12.33 19.05
N LYS B 101 -16.19 -13.43 19.03
CA LYS B 101 -16.27 -14.49 20.04
C LYS B 101 -17.64 -15.19 20.08
N HIS B 102 -18.39 -15.07 18.99
CA HIS B 102 -19.68 -15.72 18.78
C HIS B 102 -19.67 -16.24 17.34
N ILE B 103 -20.55 -17.21 17.06
CA ILE B 103 -20.71 -17.69 15.68
C ILE B 103 -22.13 -17.53 15.12
N GLN B 104 -22.97 -16.78 15.83
CA GLN B 104 -24.22 -16.26 15.30
C GLN B 104 -24.27 -14.76 15.51
N TRP B 105 -25.14 -14.12 14.74
CA TRP B 105 -25.37 -12.68 14.76
C TRP B 105 -25.81 -12.18 16.12
N GLY B 106 -25.46 -10.95 16.44
CA GLY B 106 -25.94 -10.29 17.65
C GLY B 106 -25.00 -9.19 18.08
N ASN B 107 -25.46 -8.37 19.02
CA ASN B 107 -24.76 -7.16 19.47
C ASN B 107 -24.02 -6.49 18.34
N ILE B 108 -24.69 -6.35 17.20
CA ILE B 108 -23.95 -6.18 15.97
C ILE B 108 -23.24 -4.82 15.95
N SER B 109 -21.99 -4.86 15.52
CA SER B 109 -21.04 -3.77 15.65
C SER B 109 -20.27 -3.60 14.35
N GLN B 110 -19.59 -2.48 14.20
CA GLN B 110 -18.64 -2.30 13.10
C GLN B 110 -17.25 -2.78 13.50
N GLY B 111 -16.80 -3.87 12.88
CA GLY B 111 -15.38 -4.22 12.84
C GLY B 111 -14.76 -3.47 11.67
N ALA B 112 -13.45 -3.22 11.70
CA ALA B 112 -12.84 -2.42 10.64
C ALA B 112 -11.38 -2.74 10.38
N ALA B 113 -10.96 -2.43 9.16
CA ALA B 113 -9.58 -2.62 8.73
C ALA B 113 -9.30 -1.69 7.55
N TYR B 114 -8.02 -1.57 7.18
CA TYR B 114 -7.65 -0.71 6.07
C TYR B 114 -6.62 -1.38 5.16
N SER B 115 -6.56 -0.88 3.92
CA SER B 115 -5.67 -1.42 2.90
C SER B 115 -5.28 -0.34 1.90
N SER B 116 -4.05 -0.40 1.41
CA SER B 116 -3.63 0.50 0.33
C SER B 116 -3.92 -0.07 -1.07
N ASP B 117 -4.39 -1.31 -1.17
CA ASP B 117 -4.56 -1.96 -2.49
C ASP B 117 -5.73 -2.93 -2.62
N PHE B 118 -6.74 -2.80 -1.73
CA PHE B 118 -7.88 -3.73 -1.63
C PHE B 118 -7.54 -5.17 -1.24
N THR B 119 -6.25 -5.50 -1.09
CA THR B 119 -5.80 -6.88 -1.15
C THR B 119 -5.08 -7.32 0.13
N SER B 120 -4.11 -6.53 0.57
CA SER B 120 -3.41 -6.77 1.82
C SER B 120 -3.97 -5.79 2.85
N TRP B 121 -4.41 -6.31 4.00
CA TRP B 121 -5.18 -5.54 4.98
C TRP B 121 -4.51 -5.53 6.34
N THR B 122 -4.86 -4.52 7.13
CA THR B 122 -4.43 -4.37 8.50
C THR B 122 -5.63 -4.04 9.39
N ASP B 123 -5.78 -4.79 10.48
CA ASP B 123 -6.87 -4.56 11.43
C ASP B 123 -6.64 -3.27 12.20
N PHE B 124 -7.72 -2.54 12.49
CA PHE B 124 -7.66 -1.52 13.54
C PHE B 124 -7.56 -2.25 14.89
N ASN B 125 -6.92 -1.59 15.85
CA ASN B 125 -6.76 -2.17 17.19
C ASN B 125 -6.89 -1.04 18.20
N GLY B 126 -8.01 -1.04 18.93
CA GLY B 126 -8.31 -0.02 19.91
C GLY B 126 -8.78 -0.64 21.20
N SER B 127 -9.50 0.13 22.00
CA SER B 127 -10.01 -0.35 23.29
C SER B 127 -10.97 -1.53 23.14
N GLU B 128 -11.68 -1.60 22.00
CA GLU B 128 -12.56 -2.74 21.72
C GLU B 128 -12.01 -3.66 20.64
N GLY B 129 -10.70 -3.85 20.64
CA GLY B 129 -10.04 -4.72 19.67
C GLY B 129 -10.19 -4.15 18.27
N TYR B 130 -10.77 -4.94 17.37
CA TYR B 130 -10.97 -4.52 15.99
C TYR B 130 -12.32 -3.86 15.73
N LYS B 131 -13.16 -3.76 16.76
CA LYS B 131 -14.41 -2.99 16.66
C LYS B 131 -14.12 -1.51 16.76
N THR B 132 -14.88 -0.71 16.01
CA THR B 132 -14.79 0.75 16.10
C THR B 132 -16.12 1.46 16.36
N ILE B 133 -17.26 0.78 16.16
CA ILE B 133 -18.57 1.28 16.61
C ILE B 133 -19.33 0.09 17.16
N TRP B 134 -20.01 0.30 18.29
CA TRP B 134 -20.73 -0.77 18.98
C TRP B 134 -21.98 -0.20 19.63
N PRO B 135 -22.98 -1.07 19.89
CA PRO B 135 -24.15 -0.62 20.67
C PRO B 135 -23.74 0.01 22.00
N SER B 136 -24.25 1.21 22.27
CA SER B 136 -23.91 1.95 23.50
C SER B 136 -24.96 2.93 24.05
N GLN B 137 -26.05 3.15 23.31
CA GLN B 137 -27.04 4.17 23.66
C GLN B 137 -28.40 3.54 23.50
N ILE B 138 -29.42 4.10 24.16
CA ILE B 138 -30.77 3.55 24.04
C ILE B 138 -31.21 3.41 22.57
N TYR B 139 -30.78 4.34 21.71
CA TYR B 139 -31.19 4.35 20.31
C TYR B 139 -30.50 3.29 19.43
N ASP B 140 -29.33 2.80 19.83
CA ASP B 140 -28.62 1.77 19.07
C ASP B 140 -28.22 0.50 19.85
N ILE B 141 -28.76 0.32 21.05
CA ILE B 141 -28.34 -0.76 21.93
C ILE B 141 -28.65 -2.16 21.37
N ARG B 142 -29.63 -2.25 20.47
CA ARG B 142 -30.00 -3.53 19.88
C ARG B 142 -29.12 -3.90 18.69
N GLY B 143 -28.29 -2.97 18.23
CA GLY B 143 -27.38 -3.22 17.12
C GLY B 143 -27.06 -1.96 16.34
N VAL B 144 -25.79 -1.83 15.98
CA VAL B 144 -25.29 -0.84 15.04
C VAL B 144 -25.31 -1.54 13.69
N PHE B 145 -26.37 -1.30 12.94
CA PHE B 145 -26.60 -1.92 11.64
C PHE B 145 -25.78 -1.19 10.56
N ASP B 146 -25.99 -1.57 9.30
CA ASP B 146 -25.28 -0.98 8.17
C ASP B 146 -25.35 0.55 8.16
N GLY B 147 -24.29 1.17 7.64
CA GLY B 147 -24.23 2.61 7.44
C GLY B 147 -23.22 2.95 6.35
N SER B 148 -23.24 4.20 5.90
CA SER B 148 -22.40 4.66 4.82
C SER B 148 -21.80 6.02 5.14
N ILE B 149 -20.81 6.42 4.34
CA ILE B 149 -19.93 7.53 4.69
C ILE B 149 -20.22 8.82 3.94
N ILE B 150 -20.32 9.89 4.71
CA ILE B 150 -20.24 11.27 4.24
C ILE B 150 -18.78 11.68 4.41
N LYS B 151 -18.06 11.86 3.31
CA LYS B 151 -16.61 12.05 3.39
C LYS B 151 -16.23 13.36 4.05
N GLU B 152 -16.98 14.44 3.76
CA GLU B 152 -16.80 15.72 4.45
C GLU B 152 -18.06 16.06 5.22
N GLY B 153 -18.09 15.57 6.46
CA GLY B 153 -19.29 15.63 7.28
C GLY B 153 -19.13 16.58 8.45
N ILE B 154 -19.44 16.08 9.65
CA ILE B 154 -19.49 16.91 10.85
C ILE B 154 -18.12 17.52 11.09
N ASP B 155 -18.06 18.85 11.20
CA ASP B 155 -16.81 19.60 11.38
C ASP B 155 -15.74 19.27 10.33
N GLY B 156 -16.19 18.89 9.13
CA GLY B 156 -15.29 18.48 8.05
C GLY B 156 -14.76 17.04 8.10
N TYR B 157 -15.13 16.27 9.13
CA TYR B 157 -14.59 14.92 9.31
C TYR B 157 -15.42 13.86 8.59
N PRO B 158 -14.78 12.72 8.24
CA PRO B 158 -15.59 11.62 7.72
C PRO B 158 -16.66 11.23 8.74
N THR B 159 -17.87 11.04 8.24
CA THR B 159 -19.05 10.89 9.08
C THR B 159 -19.85 9.70 8.57
N ILE B 160 -20.29 8.84 9.47
CA ILE B 160 -21.12 7.69 9.10
C ILE B 160 -22.58 7.98 9.47
N LEU B 161 -23.48 7.71 8.53
CA LEU B 161 -24.92 7.64 8.79
C LEU B 161 -25.27 6.17 8.83
N TYR B 162 -25.75 5.69 9.97
CA TYR B 162 -25.99 4.25 10.19
C TYR B 162 -27.35 3.99 10.81
N THR B 163 -27.85 2.77 10.62
CA THR B 163 -29.09 2.37 11.27
C THR B 163 -28.81 1.99 12.73
N SER B 164 -29.39 2.79 13.62
CA SER B 164 -29.35 2.58 15.05
C SER B 164 -30.62 1.85 15.45
N THR B 165 -30.47 0.67 16.04
CA THR B 165 -31.65 -0.13 16.41
C THR B 165 -31.87 -0.20 17.91
N SER B 166 -33.14 -0.16 18.31
CA SER B 166 -33.53 -0.33 19.70
C SER B 166 -34.49 -1.54 19.82
N PHE B 167 -35.25 -1.59 20.91
N PHE B 167 -35.24 -1.61 20.93
CA PHE B 167 -36.08 -2.73 21.23
CA PHE B 167 -36.08 -2.77 21.25
C PHE B 167 -37.33 -2.86 20.35
C PHE B 167 -37.31 -2.87 20.35
N GLY B 168 -37.91 -4.05 20.34
CA GLY B 168 -39.20 -4.30 19.68
C GLY B 168 -39.03 -5.30 18.55
N PRO B 169 -40.16 -5.86 18.07
CA PRO B 169 -40.08 -6.74 16.90
C PRO B 169 -39.38 -6.02 15.73
N LEU B 170 -38.44 -6.72 15.10
CA LEU B 170 -37.67 -6.15 14.00
C LEU B 170 -37.59 -7.19 12.90
N GLY B 171 -38.21 -6.90 11.76
CA GLY B 171 -38.18 -7.81 10.63
C GLY B 171 -39.33 -7.62 9.67
N ALA B 172 -39.07 -7.96 8.41
CA ALA B 172 -40.04 -7.83 7.33
C ALA B 172 -41.29 -8.70 7.52
N THR B 173 -41.17 -9.82 8.24
CA THR B 173 -42.32 -10.70 8.50
C THR B 173 -42.94 -10.51 9.89
N LEU B 174 -42.47 -9.51 10.64
CA LEU B 174 -42.97 -9.20 11.97
C LEU B 174 -43.70 -7.88 11.95
N ASN B 175 -44.32 -7.53 13.08
CA ASN B 175 -45.05 -6.27 13.20
C ASN B 175 -44.15 -5.20 13.83
N GLU B 176 -43.22 -4.68 13.03
CA GLU B 176 -42.29 -3.66 13.51
C GLU B 176 -43.00 -2.34 13.74
N ALA B 177 -42.52 -1.59 14.72
CA ALA B 177 -43.04 -0.26 15.01
C ALA B 177 -41.95 0.78 14.83
N GLU B 178 -42.41 2.01 14.62
CA GLU B 178 -41.57 3.18 14.49
C GLU B 178 -40.70 3.34 15.74
N GLY B 179 -39.42 3.70 15.53
CA GLY B 179 -38.45 3.84 16.61
C GLY B 179 -37.48 2.66 16.74
N THR B 180 -37.93 1.46 16.38
CA THR B 180 -37.09 0.28 16.48
C THR B 180 -35.86 0.40 15.56
N GLU B 181 -36.05 0.97 14.38
CA GLU B 181 -34.95 1.28 13.47
C GLU B 181 -34.96 2.77 13.20
N THR B 182 -33.88 3.45 13.58
CA THR B 182 -33.68 4.86 13.30
C THR B 182 -32.32 5.03 12.62
N GLN B 183 -32.00 6.25 12.21
CA GLN B 183 -30.72 6.53 11.56
C GLN B 183 -29.98 7.60 12.33
N SER B 184 -28.70 7.34 12.60
CA SER B 184 -27.89 8.15 13.50
C SER B 184 -26.54 8.48 12.87
N LEU B 185 -25.90 9.54 13.37
CA LEU B 185 -24.59 9.98 12.91
C LEU B 185 -23.46 9.74 13.92
N ALA B 186 -22.28 9.43 13.39
CA ALA B 186 -21.04 9.48 14.15
C ALA B 186 -19.95 9.97 13.22
N TYR B 187 -18.89 10.57 13.79
CA TYR B 187 -17.78 11.08 12.98
C TYR B 187 -16.45 10.62 13.55
N THR B 188 -15.41 10.61 12.72
CA THR B 188 -14.08 10.18 13.14
C THR B 188 -13.05 11.30 12.98
N THR B 189 -12.28 11.55 14.05
CA THR B 189 -11.18 12.51 14.01
C THR B 189 -9.82 11.82 13.84
N ASP B 190 -9.82 10.49 13.70
CA ASP B 190 -8.58 9.72 13.61
C ASP B 190 -8.64 8.68 12.49
N ASP B 191 -9.30 9.06 11.39
CA ASP B 191 -9.34 8.26 10.17
C ASP B 191 -9.88 6.84 10.35
N GLY B 192 -10.87 6.70 11.21
CA GLY B 192 -11.56 5.43 11.42
C GLY B 192 -11.07 4.59 12.57
N ALA B 193 -10.06 5.04 13.32
CA ALA B 193 -9.63 4.31 14.53
C ALA B 193 -10.74 4.34 15.59
N SER B 194 -11.49 5.44 15.64
CA SER B 194 -12.61 5.56 16.56
C SER B 194 -13.68 6.47 15.95
N TRP B 195 -14.89 6.40 16.48
CA TRP B 195 -16.00 7.24 16.04
C TRP B 195 -16.69 7.85 17.25
N ILE B 196 -17.08 9.12 17.11
CA ILE B 196 -17.82 9.83 18.14
C ILE B 196 -19.25 10.02 17.65
N LYS B 197 -20.21 9.48 18.38
CA LYS B 197 -21.63 9.65 18.06
C LYS B 197 -22.09 11.02 18.48
N LEU B 198 -23.02 11.60 17.73
CA LEU B 198 -23.72 12.78 18.23
C LEU B 198 -24.51 12.37 19.48
N GLY B 199 -24.81 13.35 20.32
CA GLY B 199 -25.57 13.10 21.54
C GLY B 199 -26.98 12.58 21.26
N TYR B 200 -27.57 11.90 22.23
CA TYR B 200 -28.97 11.50 22.14
C TYR B 200 -29.86 12.69 22.46
N GLY B 201 -30.83 12.97 21.58
CA GLY B 201 -31.84 13.97 21.92
C GLY B 201 -32.40 14.76 20.76
N ALA B 202 -33.25 15.72 21.11
CA ALA B 202 -33.89 16.59 20.12
C ALA B 202 -32.84 17.38 19.37
N GLY B 203 -32.89 17.34 18.04
CA GLY B 203 -31.93 18.02 17.19
C GLY B 203 -30.58 17.33 17.10
N GLN B 204 -30.46 16.13 17.67
CA GLN B 204 -29.22 15.35 17.62
C GLN B 204 -29.61 13.92 17.21
N ASN B 205 -28.94 12.89 17.74
CA ASN B 205 -29.27 11.50 17.37
C ASN B 205 -30.55 11.00 18.05
N PRO B 206 -31.32 10.14 17.38
CA PRO B 206 -31.16 9.80 15.96
C PRO B 206 -31.68 10.92 15.09
N VAL B 207 -31.10 11.08 13.90
CA VAL B 207 -31.45 12.20 13.00
C VAL B 207 -32.62 11.89 12.06
N ILE B 208 -32.84 10.62 11.77
CA ILE B 208 -34.01 10.20 10.99
C ILE B 208 -34.71 9.10 11.78
N TYR B 209 -35.97 9.36 12.14
CA TYR B 209 -36.75 8.42 12.97
C TYR B 209 -38.21 8.26 12.56
N GLU B 210 -38.79 9.28 11.93
CA GLU B 210 -40.18 9.21 11.47
C GLU B 210 -40.29 8.34 10.22
N TRP B 211 -41.17 7.36 10.26
CA TRP B 211 -41.45 6.53 9.09
C TRP B 211 -42.11 7.37 7.99
N PRO B 212 -41.59 7.30 6.75
CA PRO B 212 -42.17 8.07 5.65
C PRO B 212 -43.53 7.56 5.16
N GLU B 213 -43.82 6.29 5.40
CA GLU B 213 -45.13 5.69 5.11
C GLU B 213 -45.44 4.71 6.25
N THR B 214 -46.70 4.35 6.45
CA THR B 214 -47.08 3.43 7.54
C THR B 214 -46.81 1.96 7.18
N ASN B 215 -46.80 1.12 8.21
CA ASN B 215 -46.69 -0.33 8.08
C ASN B 215 -45.49 -0.81 7.26
N LEU B 216 -44.33 -0.21 7.55
CA LEU B 216 -43.09 -0.61 6.89
C LEU B 216 -42.66 -2.01 7.29
N THR B 217 -42.09 -2.73 6.31
CA THR B 217 -41.44 -4.01 6.54
C THR B 217 -40.01 -3.83 7.04
N GLY B 218 -39.43 -2.64 6.81
CA GLY B 218 -38.05 -2.36 7.22
C GLY B 218 -37.73 -0.91 6.96
N PHE B 219 -36.69 -0.42 7.63
CA PHE B 219 -36.32 1.00 7.55
C PHE B 219 -34.87 1.14 7.94
N ARG B 220 -33.98 0.76 7.03
CA ARG B 220 -32.56 0.66 7.37
C ARG B 220 -31.62 0.79 6.20
N ASP B 221 -30.32 0.83 6.53
CA ASP B 221 -29.21 0.80 5.58
C ASP B 221 -29.12 2.10 4.78
N PRO B 222 -28.94 3.24 5.47
CA PRO B 222 -28.87 4.51 4.77
C PRO B 222 -27.65 4.58 3.86
N TYR B 223 -27.88 4.91 2.59
CA TYR B 223 -26.82 4.99 1.61
C TYR B 223 -26.70 6.44 1.18
N VAL B 224 -25.64 7.09 1.62
CA VAL B 224 -25.44 8.52 1.33
C VAL B 224 -24.57 8.65 0.08
N PHE B 225 -24.96 9.57 -0.80
CA PHE B 225 -24.23 9.74 -2.06
C PHE B 225 -24.45 11.16 -2.60
N GLN B 226 -23.49 11.63 -3.37
CA GLN B 226 -23.64 12.87 -4.13
C GLN B 226 -24.05 12.49 -5.53
N SER B 227 -24.80 13.37 -6.19
CA SER B 227 -25.33 13.09 -7.51
C SER B 227 -25.61 14.39 -8.28
N PRO B 228 -24.63 14.81 -9.11
CA PRO B 228 -24.90 15.91 -10.04
C PRO B 228 -26.16 15.66 -10.90
N ARG B 229 -26.37 14.40 -11.28
CA ARG B 229 -27.57 13.97 -12.01
C ARG B 229 -28.86 14.34 -11.29
N LEU B 230 -29.01 13.87 -10.05
CA LEU B 230 -30.22 14.16 -9.29
C LEU B 230 -30.35 15.65 -8.94
N GLU B 231 -29.24 16.33 -8.65
CA GLU B 231 -29.28 17.79 -8.41
C GLU B 231 -29.82 18.54 -9.63
N ALA B 232 -29.37 18.16 -10.83
CA ALA B 232 -29.83 18.79 -12.07
C ALA B 232 -31.32 18.51 -12.31
N LEU B 233 -31.74 17.27 -12.10
CA LEU B 233 -33.16 16.90 -12.25
C LEU B 233 -34.09 17.60 -11.28
N LEU B 234 -33.64 17.85 -10.05
CA LEU B 234 -34.47 18.46 -9.02
C LEU B 234 -34.36 19.98 -8.92
N ALA B 235 -33.42 20.59 -9.66
CA ALA B 235 -33.11 22.02 -9.52
C ALA B 235 -34.31 22.95 -9.67
N ASN B 236 -35.22 22.62 -10.58
CA ASN B 236 -36.44 23.42 -10.80
C ASN B 236 -37.59 23.13 -9.81
N THR B 237 -37.40 22.20 -8.86
CA THR B 237 -38.41 21.84 -7.86
C THR B 237 -38.04 22.21 -6.41
N THR B 238 -36.87 22.82 -6.18
CA THR B 238 -36.39 23.06 -4.81
C THR B 238 -37.25 24.05 -4.01
N SER B 239 -38.04 24.89 -4.68
CA SER B 239 -39.05 25.72 -4.01
C SER B 239 -40.18 24.91 -3.38
N ILE B 240 -40.47 23.74 -3.95
CA ILE B 240 -41.54 22.87 -3.44
C ILE B 240 -41.11 22.18 -2.13
N THR B 241 -39.88 21.70 -2.08
CA THR B 241 -39.39 20.91 -0.95
C THR B 241 -38.47 21.66 0.03
N ASN B 242 -37.84 22.74 -0.45
CA ASN B 242 -36.79 23.47 0.28
C ASN B 242 -35.52 22.67 0.61
N ALA B 243 -35.33 21.51 -0.04
CA ALA B 243 -34.16 20.67 0.18
C ALA B 243 -33.17 20.99 -0.94
N THR B 244 -32.02 21.54 -0.56
CA THR B 244 -31.01 22.00 -1.52
C THR B 244 -29.60 21.46 -1.26
N GLY B 245 -29.46 20.49 -0.36
CA GLY B 245 -28.15 19.96 -0.02
C GLY B 245 -27.52 19.16 -1.15
N ASP B 246 -26.20 18.96 -1.05
CA ASP B 246 -25.45 18.21 -2.05
C ASP B 246 -25.30 16.71 -1.74
N HIS B 247 -25.93 16.23 -0.66
CA HIS B 247 -26.00 14.80 -0.37
C HIS B 247 -27.43 14.30 -0.44
N PHE B 248 -27.58 13.12 -1.04
CA PHE B 248 -28.81 12.36 -1.00
C PHE B 248 -28.60 11.13 -0.12
N ALA B 249 -29.68 10.55 0.36
CA ALA B 249 -29.62 9.28 1.08
C ALA B 249 -30.83 8.44 0.77
N THR B 250 -30.60 7.17 0.46
CA THR B 250 -31.70 6.21 0.37
C THR B 250 -31.79 5.40 1.65
N ILE B 251 -33.00 5.01 2.01
CA ILE B 251 -33.23 4.06 3.10
C ILE B 251 -34.05 2.89 2.54
N SER B 252 -33.61 1.67 2.88
CA SER B 252 -34.16 0.45 2.32
C SER B 252 -35.29 -0.11 3.18
N GLY B 253 -36.37 -0.53 2.53
CA GLY B 253 -37.47 -1.12 3.24
C GLY B 253 -38.55 -1.66 2.31
N GLY B 254 -39.79 -1.40 2.68
CA GLY B 254 -40.96 -1.92 1.97
C GLY B 254 -42.21 -1.66 2.79
N VAL B 255 -43.35 -2.12 2.27
CA VAL B 255 -44.65 -1.91 2.92
C VAL B 255 -45.33 -3.27 3.04
N HIS B 256 -45.85 -3.58 4.23
CA HIS B 256 -46.48 -4.88 4.49
C HIS B 256 -47.55 -5.19 3.44
N GLY B 257 -47.46 -6.38 2.85
CA GLY B 257 -48.38 -6.84 1.81
C GLY B 257 -48.28 -6.21 0.43
N ASP B 258 -47.38 -5.23 0.23
CA ASP B 258 -47.36 -4.46 -1.01
C ASP B 258 -45.96 -4.22 -1.61
N GLY B 259 -45.00 -5.06 -1.22
CA GLY B 259 -43.68 -5.06 -1.84
C GLY B 259 -42.65 -4.11 -1.25
N ALA B 260 -41.45 -4.18 -1.83
CA ALA B 260 -40.29 -3.42 -1.36
C ALA B 260 -40.33 -1.96 -1.81
N ARG B 261 -39.56 -1.14 -1.08
CA ARG B 261 -39.46 0.29 -1.33
C ARG B 261 -38.04 0.75 -1.04
N LEU B 262 -37.52 1.64 -1.89
CA LEU B 262 -36.31 2.39 -1.60
C LEU B 262 -36.73 3.84 -1.46
N PHE B 263 -36.54 4.41 -0.27
CA PHE B 263 -37.00 5.76 0.05
C PHE B 263 -35.87 6.74 -0.17
N LEU B 264 -36.16 7.86 -0.86
CA LEU B 264 -35.14 8.88 -1.14
C LEU B 264 -35.30 10.11 -0.26
N TYR B 265 -34.19 10.49 0.36
CA TYR B 265 -34.07 11.69 1.17
C TYR B 265 -33.04 12.59 0.52
N ARG B 266 -33.16 13.89 0.76
CA ARG B 266 -32.13 14.84 0.39
C ARG B 266 -31.76 15.69 1.61
N GLN B 267 -30.46 15.84 1.82
CA GLN B 267 -29.92 16.75 2.83
C GLN B 267 -30.57 18.11 2.63
N HIS B 268 -31.15 18.67 3.69
CA HIS B 268 -31.92 19.90 3.58
C HIS B 268 -31.04 21.08 3.17
N THR B 269 -29.89 21.22 3.82
CA THR B 269 -28.98 22.33 3.57
C THR B 269 -27.55 21.85 3.50
N THR B 270 -26.82 22.31 2.48
CA THR B 270 -25.40 22.00 2.31
C THR B 270 -24.62 22.40 3.56
N GLY B 271 -23.69 21.53 3.96
CA GLY B 271 -22.87 21.75 5.15
C GLY B 271 -23.56 21.52 6.48
N GLU B 272 -24.80 21.04 6.48
CA GLU B 272 -25.56 20.75 7.70
C GLU B 272 -26.10 19.31 7.60
N PHE B 273 -25.95 18.54 8.67
CA PHE B 273 -26.16 17.07 8.60
C PHE B 273 -27.25 16.49 9.49
N ILE B 274 -27.97 17.35 10.20
CA ILE B 274 -29.05 16.92 11.08
C ILE B 274 -30.34 16.70 10.29
N LYS B 275 -30.68 17.66 9.42
CA LYS B 275 -31.98 17.65 8.74
C LYS B 275 -31.91 17.01 7.34
N TRP B 276 -32.69 15.94 7.16
CA TRP B 276 -32.80 15.23 5.90
C TRP B 276 -34.27 15.24 5.52
N THR B 277 -34.59 15.70 4.32
CA THR B 277 -35.97 15.84 3.86
C THR B 277 -36.36 14.63 3.02
N TYR B 278 -37.43 13.95 3.42
CA TYR B 278 -37.98 12.85 2.63
C TYR B 278 -38.60 13.42 1.36
N LEU B 279 -38.14 12.93 0.21
CA LEU B 279 -38.68 13.36 -1.08
C LEU B 279 -39.81 12.43 -1.52
N GLY B 280 -39.52 11.14 -1.53
CA GLY B 280 -40.51 10.15 -1.97
C GLY B 280 -39.85 8.81 -2.25
N PRO B 281 -40.67 7.79 -2.60
CA PRO B 281 -40.12 6.50 -3.00
C PRO B 281 -39.38 6.59 -4.33
N LEU B 282 -38.14 6.08 -4.34
CA LEU B 282 -37.31 6.06 -5.53
C LEU B 282 -37.60 4.81 -6.34
N VAL B 283 -37.57 3.66 -5.67
CA VAL B 283 -37.89 2.38 -6.29
C VAL B 283 -39.08 1.74 -5.58
N THR B 284 -40.07 1.33 -6.37
CA THR B 284 -41.26 0.66 -5.85
C THR B 284 -41.43 -0.61 -6.68
N THR B 285 -41.42 -1.75 -6.00
CA THR B 285 -41.67 -3.04 -6.65
C THR B 285 -42.81 -3.77 -5.94
N GLY B 286 -43.41 -4.73 -6.64
CA GLY B 286 -44.57 -5.46 -6.13
C GLY B 286 -44.22 -6.60 -5.22
N TYR B 287 -45.19 -7.04 -4.44
CA TYR B 287 -45.04 -8.15 -3.50
C TYR B 287 -44.63 -9.45 -4.20
N LYS B 288 -43.40 -9.88 -3.97
CA LYS B 288 -42.80 -11.04 -4.64
C LYS B 288 -42.86 -10.98 -6.19
N GLU B 289 -42.78 -9.77 -6.73
CA GLU B 289 -42.72 -9.53 -8.17
C GLU B 289 -41.38 -10.00 -8.70
N SER B 290 -41.39 -10.63 -9.87
CA SER B 290 -40.16 -10.95 -10.58
C SER B 290 -40.18 -10.29 -11.96
N TYR B 291 -39.05 -9.68 -12.33
CA TYR B 291 -38.85 -9.18 -13.69
C TYR B 291 -38.62 -10.32 -14.68
N GLY B 292 -38.26 -11.51 -14.19
CA GLY B 292 -38.09 -12.71 -15.02
C GLY B 292 -36.94 -13.60 -14.59
N GLU B 293 -36.70 -14.63 -15.41
CA GLU B 293 -35.68 -15.69 -15.17
C GLU B 293 -34.25 -15.16 -15.00
N TRP B 294 -33.94 -14.01 -15.60
CA TRP B 294 -32.60 -13.42 -15.54
C TRP B 294 -32.45 -12.41 -14.41
N SER B 295 -33.47 -12.25 -13.56
CA SER B 295 -33.57 -11.08 -12.68
C SER B 295 -33.93 -11.39 -11.22
N GLY B 296 -33.85 -12.65 -10.81
CA GLY B 296 -34.25 -13.04 -9.45
C GLY B 296 -35.69 -12.65 -9.14
N ASN B 297 -35.93 -12.18 -7.93
CA ASN B 297 -37.25 -11.82 -7.44
C ASN B 297 -37.13 -10.66 -6.48
N TYR B 298 -38.04 -9.69 -6.59
CA TYR B 298 -37.99 -8.47 -5.77
C TYR B 298 -38.46 -8.66 -4.32
N GLY B 299 -38.96 -9.84 -3.98
CA GLY B 299 -39.29 -10.18 -2.59
C GLY B 299 -40.29 -9.25 -1.95
N ILE B 300 -40.13 -9.02 -0.63
CA ILE B 300 -41.06 -8.20 0.14
C ILE B 300 -40.43 -6.97 0.78
N ASN B 301 -39.11 -6.86 0.73
CA ASN B 301 -38.37 -5.86 1.48
C ASN B 301 -36.98 -5.75 0.90
N PHE B 302 -36.48 -4.53 0.76
CA PHE B 302 -35.10 -4.29 0.30
C PHE B 302 -34.16 -4.16 1.51
N GLU B 303 -32.91 -4.56 1.30
CA GLU B 303 -31.82 -4.31 2.24
C GLU B 303 -30.59 -3.86 1.46
N THR B 304 -29.74 -3.09 2.15
CA THR B 304 -28.45 -2.62 1.66
C THR B 304 -28.46 -2.03 0.25
N ALA B 305 -29.50 -1.24 -0.06
CA ALA B 305 -29.61 -0.68 -1.40
C ALA B 305 -28.68 0.52 -1.56
N GLY B 306 -28.12 0.67 -2.77
CA GLY B 306 -27.31 1.83 -3.13
C GLY B 306 -27.66 2.33 -4.52
N VAL B 307 -27.21 3.55 -4.80
CA VAL B 307 -27.47 4.26 -6.05
C VAL B 307 -26.14 4.71 -6.63
N THR B 308 -25.93 4.46 -7.92
CA THR B 308 -24.71 4.91 -8.58
C THR B 308 -25.01 5.29 -10.03
N ARG B 309 -23.99 5.81 -10.69
CA ARG B 309 -24.07 6.18 -12.11
C ARG B 309 -22.76 5.76 -12.73
N LEU B 310 -22.83 5.02 -13.83
CA LEU B 310 -21.65 4.41 -14.44
C LEU B 310 -21.60 4.72 -15.93
N ASN B 311 -20.41 4.62 -16.49
CA ASN B 311 -20.22 4.66 -17.95
C ASN B 311 -19.26 3.53 -18.30
N PRO B 312 -18.89 3.36 -19.60
CA PRO B 312 -18.04 2.22 -19.93
C PRO B 312 -16.70 2.14 -19.18
N ALA B 313 -16.15 3.28 -18.75
CA ALA B 313 -14.87 3.32 -18.04
C ALA B 313 -14.97 3.09 -16.52
N GLY B 314 -16.14 3.28 -15.93
CA GLY B 314 -16.30 3.17 -14.47
C GLY B 314 -17.40 4.08 -13.95
N ALA B 315 -17.08 4.88 -12.91
CA ALA B 315 -18.04 5.81 -12.33
C ALA B 315 -18.22 7.04 -13.21
N ALA B 316 -19.45 7.52 -13.31
CA ALA B 316 -19.80 8.70 -14.09
C ALA B 316 -20.33 9.77 -13.14
N TRP B 317 -19.72 10.96 -13.19
CA TRP B 317 -20.11 12.09 -12.34
C TRP B 317 -20.75 13.25 -13.12
N ASP B 318 -21.21 12.99 -14.34
CA ASP B 318 -21.92 14.00 -15.16
C ASP B 318 -23.35 14.21 -14.66
N ASN B 319 -23.99 15.27 -15.16
CA ASN B 319 -25.36 15.62 -14.78
C ASN B 319 -26.47 15.01 -15.64
N GLY B 320 -26.13 14.10 -16.54
CA GLY B 320 -27.03 13.62 -17.57
C GLY B 320 -26.47 13.83 -18.98
N SER B 321 -25.50 14.73 -19.11
CA SER B 321 -24.92 15.09 -20.41
C SER B 321 -24.10 13.98 -21.09
N ASP B 322 -23.57 13.04 -20.32
CA ASP B 322 -22.86 11.88 -20.88
C ASP B 322 -23.89 10.86 -21.34
N THR B 323 -24.06 10.74 -22.67
CA THR B 323 -25.03 9.82 -23.25
C THR B 323 -24.64 8.35 -23.10
N THR B 324 -23.39 8.07 -22.77
CA THR B 324 -22.93 6.69 -22.51
C THR B 324 -23.14 6.25 -21.04
N ALA B 325 -23.55 7.16 -20.17
CA ALA B 325 -23.72 6.86 -18.75
C ALA B 325 -25.10 6.30 -18.46
N VAL B 326 -25.18 5.45 -17.43
CA VAL B 326 -26.41 4.77 -17.04
C VAL B 326 -26.54 4.85 -15.52
N ASP B 327 -27.76 5.12 -15.05
CA ASP B 327 -28.07 5.13 -13.63
C ASP B 327 -28.43 3.73 -13.16
N PHE B 328 -27.85 3.30 -12.04
CA PHE B 328 -28.06 1.96 -11.50
C PHE B 328 -28.44 2.03 -10.04
N VAL B 329 -29.27 1.08 -9.61
CA VAL B 329 -29.54 0.83 -8.20
C VAL B 329 -29.10 -0.61 -7.93
N THR B 330 -28.39 -0.84 -6.83
CA THR B 330 -28.09 -2.20 -6.38
C THR B 330 -28.85 -2.40 -5.08
N PHE B 331 -29.34 -3.60 -4.85
CA PHE B 331 -30.19 -3.86 -3.68
C PHE B 331 -30.34 -5.35 -3.40
N GLY B 332 -30.46 -5.68 -2.13
CA GLY B 332 -30.82 -7.02 -1.70
C GLY B 332 -32.31 -7.08 -1.53
N THR B 333 -32.90 -8.25 -1.78
CA THR B 333 -34.30 -8.48 -1.50
C THR B 333 -34.44 -9.71 -0.61
N GLU B 334 -35.48 -9.73 0.20
CA GLU B 334 -35.76 -10.88 1.04
C GLU B 334 -37.15 -11.48 0.86
N GLN B 335 -37.23 -12.78 1.15
CA GLN B 335 -38.46 -13.58 1.05
C GLN B 335 -39.02 -13.71 -0.36
N GLY B 336 -38.15 -13.62 -1.37
CA GLY B 336 -38.50 -13.90 -2.76
C GLY B 336 -37.69 -15.06 -3.32
N ARG B 337 -37.21 -15.95 -2.46
CA ARG B 337 -36.34 -17.04 -2.87
C ARG B 337 -36.51 -18.21 -1.91
N ALA B 338 -36.57 -19.43 -2.46
CA ALA B 338 -36.80 -20.65 -1.68
C ALA B 338 -35.55 -21.16 -0.95
N ASP B 339 -34.38 -20.67 -1.34
CA ASP B 339 -33.11 -21.10 -0.77
C ASP B 339 -32.17 -19.87 -0.69
N HIS B 340 -30.87 -20.08 -0.48
CA HIS B 340 -29.91 -18.97 -0.31
C HIS B 340 -30.39 -17.98 0.74
N GLN B 341 -30.84 -18.52 1.87
CA GLN B 341 -31.34 -17.74 3.01
C GLN B 341 -32.42 -16.72 2.61
N ASN B 342 -33.23 -17.09 1.62
CA ASN B 342 -34.31 -16.26 1.06
C ASN B 342 -33.86 -14.89 0.51
N HIS B 343 -32.60 -14.82 0.04
CA HIS B 343 -31.95 -13.55 -0.28
C HIS B 343 -31.44 -13.50 -1.70
N TRP B 344 -31.82 -12.44 -2.43
CA TRP B 344 -31.28 -12.14 -3.76
C TRP B 344 -30.49 -10.83 -3.70
N PRO B 345 -29.21 -10.83 -4.14
CA PRO B 345 -28.50 -9.57 -4.39
C PRO B 345 -28.68 -9.14 -5.84
N LEU B 346 -29.44 -8.08 -6.05
CA LEU B 346 -29.86 -7.65 -7.38
C LEU B 346 -29.31 -6.29 -7.77
N TRP B 347 -29.54 -5.93 -9.02
CA TRP B 347 -29.28 -4.58 -9.52
C TRP B 347 -30.29 -4.27 -10.62
N ALA B 348 -30.51 -2.99 -10.87
CA ALA B 348 -31.37 -2.53 -11.95
C ALA B 348 -30.81 -1.28 -12.59
N ALA B 349 -30.87 -1.20 -13.91
CA ALA B 349 -30.66 0.05 -14.62
C ALA B 349 -31.98 0.81 -14.55
N VAL B 350 -31.92 2.11 -14.30
CA VAL B 350 -33.13 2.91 -14.11
C VAL B 350 -33.10 4.19 -14.94
N ASP B 351 -34.30 4.67 -15.29
CA ASP B 351 -34.48 5.98 -15.91
C ASP B 351 -35.27 6.84 -14.93
N TYR B 352 -34.67 7.96 -14.52
CA TYR B 352 -35.29 8.83 -13.53
C TYR B 352 -36.35 9.72 -14.15
N GLU B 353 -37.50 9.83 -13.48
CA GLU B 353 -38.55 10.80 -13.79
C GLU B 353 -38.78 11.70 -12.58
N VAL B 354 -39.00 12.99 -12.84
CA VAL B 354 -39.25 13.96 -11.76
C VAL B 354 -40.76 14.05 -11.53
N ARG B 355 -41.18 13.83 -10.29
CA ARG B 355 -42.59 13.97 -9.90
C ARG B 355 -42.93 15.43 -9.62
N ASP B 356 -44.22 15.74 -9.67
CA ASP B 356 -44.71 17.11 -9.43
C ASP B 356 -44.39 17.62 -8.01
N ASN B 357 -44.32 16.72 -7.03
CA ASN B 357 -43.95 17.12 -5.66
C ASN B 357 -42.44 17.25 -5.38
N GLY B 358 -41.62 17.23 -6.43
CA GLY B 358 -40.17 17.45 -6.28
C GLY B 358 -39.44 16.21 -5.79
N SER B 359 -39.90 15.03 -6.21
CA SER B 359 -39.27 13.75 -5.89
C SER B 359 -38.93 13.03 -7.20
N ILE B 360 -38.28 11.88 -7.07
CA ILE B 360 -37.76 11.14 -8.22
C ILE B 360 -38.32 9.73 -8.24
N GLU B 361 -38.88 9.32 -9.38
CA GLU B 361 -39.23 7.93 -9.63
C GLU B 361 -38.15 7.29 -10.49
N ALA B 362 -37.51 6.24 -9.97
CA ALA B 362 -36.52 5.49 -10.74
C ALA B 362 -37.28 4.35 -11.41
N VAL B 363 -37.50 4.49 -12.71
CA VAL B 363 -38.24 3.49 -13.48
C VAL B 363 -37.26 2.43 -13.97
N ILE B 364 -37.51 1.16 -13.62
CA ILE B 364 -36.61 0.07 -13.99
C ILE B 364 -36.63 -0.18 -15.51
N ALA B 365 -35.46 -0.07 -16.14
CA ALA B 365 -35.28 -0.29 -17.59
C ALA B 365 -34.89 -1.72 -17.90
N TYR B 366 -34.00 -2.27 -17.09
CA TYR B 366 -33.67 -3.69 -17.08
C TYR B 366 -33.07 -4.06 -15.72
N SER B 367 -33.04 -5.34 -15.41
CA SER B 367 -32.85 -5.79 -14.04
C SER B 367 -32.07 -7.10 -14.01
N GLY B 368 -31.03 -7.16 -13.18
CA GLY B 368 -30.19 -8.33 -13.11
C GLY B 368 -29.81 -8.75 -11.69
N VAL B 369 -28.81 -9.63 -11.64
CA VAL B 369 -28.36 -10.28 -10.43
C VAL B 369 -26.89 -9.92 -10.25
N GLN B 370 -26.53 -9.44 -9.06
CA GLN B 370 -25.14 -9.09 -8.81
C GLN B 370 -24.26 -10.32 -8.54
N ASP B 371 -24.83 -11.34 -7.91
CA ASP B 371 -24.13 -12.60 -7.67
C ASP B 371 -25.21 -13.66 -7.50
N TRP B 372 -25.04 -14.81 -8.16
CA TRP B 372 -26.05 -15.87 -8.16
C TRP B 372 -25.92 -16.89 -7.04
N GLY B 373 -24.88 -16.78 -6.20
CA GLY B 373 -24.59 -17.78 -5.19
C GLY B 373 -24.82 -17.32 -3.75
N ARG B 374 -24.02 -17.85 -2.84
CA ARG B 374 -24.18 -17.62 -1.42
C ARG B 374 -23.54 -16.30 -0.97
N SER B 375 -24.01 -15.20 -1.55
CA SER B 375 -23.56 -13.87 -1.18
C SER B 375 -24.71 -12.90 -1.17
N TYR B 376 -24.51 -11.79 -0.46
CA TYR B 376 -25.57 -10.84 -0.20
C TYR B 376 -24.94 -9.58 0.38
N ALA B 377 -25.73 -8.52 0.49
CA ALA B 377 -25.34 -7.30 1.20
C ALA B 377 -24.21 -6.57 0.49
N TYR B 378 -24.34 -6.43 -0.83
CA TYR B 378 -23.35 -5.71 -1.62
C TYR B 378 -23.43 -4.22 -1.32
N ALA B 379 -22.25 -3.63 -1.13
CA ALA B 379 -22.08 -2.19 -0.94
C ALA B 379 -21.16 -1.69 -2.03
N SER B 380 -21.41 -0.48 -2.54
CA SER B 380 -20.48 0.14 -3.47
C SER B 380 -20.09 1.52 -2.98
N PHE B 381 -18.91 1.95 -3.38
CA PHE B 381 -18.36 3.23 -2.95
C PHE B 381 -17.42 3.82 -4.01
N PRO B 382 -17.31 5.15 -4.06
CA PRO B 382 -16.44 5.77 -5.05
C PRO B 382 -14.95 5.67 -4.71
N VAL B 383 -14.13 5.47 -5.73
CA VAL B 383 -12.68 5.37 -5.59
C VAL B 383 -12.05 6.29 -6.64
N GLU B 384 -10.94 6.92 -6.26
CA GLU B 384 -10.19 7.82 -7.16
C GLU B 384 -9.95 7.22 -8.53
N GLY B 385 -9.96 8.08 -9.55
CA GLY B 385 -9.82 7.64 -10.93
C GLY B 385 -11.14 7.23 -11.57
N TYR B 386 -12.23 7.84 -11.11
CA TYR B 386 -13.56 7.60 -11.67
C TYR B 386 -13.97 6.11 -11.60
N ARG B 387 -13.83 5.54 -10.40
CA ARG B 387 -14.20 4.15 -10.15
C ARG B 387 -15.34 4.06 -9.14
N GLN B 388 -16.16 3.03 -9.29
CA GLN B 388 -17.13 2.64 -8.28
C GLN B 388 -16.83 1.18 -7.99
N VAL B 389 -16.53 0.88 -6.73
CA VAL B 389 -16.08 -0.44 -6.32
C VAL B 389 -17.13 -1.06 -5.42
N SER B 390 -17.41 -2.34 -5.65
CA SER B 390 -18.50 -3.06 -4.97
C SER B 390 -17.91 -4.29 -4.27
N VAL B 391 -18.45 -4.62 -3.10
CA VAL B 391 -18.02 -5.80 -2.35
C VAL B 391 -19.22 -6.30 -1.57
N GLY B 392 -19.30 -7.62 -1.40
CA GLY B 392 -20.40 -8.24 -0.66
C GLY B 392 -19.91 -9.20 0.38
N TRP B 393 -20.86 -9.90 1.00
CA TRP B 393 -20.59 -10.87 2.05
C TRP B 393 -20.93 -12.26 1.54
N ILE B 394 -19.98 -13.19 1.69
CA ILE B 394 -20.20 -14.61 1.39
C ILE B 394 -20.45 -15.32 2.71
N TYR B 395 -21.66 -15.85 2.86
CA TYR B 395 -22.00 -16.63 4.06
C TYR B 395 -21.50 -18.06 3.92
N GLU B 396 -21.48 -18.81 5.01
CA GLU B 396 -21.07 -20.21 4.99
C GLU B 396 -22.21 -21.06 4.40
N ASP B 397 -21.96 -22.34 4.22
CA ASP B 397 -23.03 -23.28 3.84
C ASP B 397 -23.19 -24.33 4.94
N ASP B 398 -23.56 -23.83 6.13
CA ASP B 398 -23.78 -24.65 7.31
C ASP B 398 -25.00 -24.07 8.02
N ASP B 399 -26.12 -24.02 7.30
CA ASP B 399 -27.31 -23.31 7.78
C ASP B 399 -27.94 -23.91 9.04
N ASN B 400 -27.68 -25.18 9.33
CA ASN B 400 -28.12 -25.79 10.59
C ASN B 400 -27.13 -25.61 11.74
N VAL B 401 -26.04 -24.87 11.51
CA VAL B 401 -25.10 -24.47 12.57
C VAL B 401 -24.48 -25.69 13.26
N ILE B 402 -24.08 -26.68 12.44
CA ILE B 402 -23.57 -27.94 12.93
C ILE B 402 -22.07 -27.88 13.28
N LEU B 403 -21.28 -27.16 12.49
CA LEU B 403 -19.84 -27.06 12.73
C LEU B 403 -19.32 -25.61 12.93
N ALA B 404 -20.24 -24.67 13.17
CA ALA B 404 -19.87 -23.25 13.32
C ALA B 404 -18.97 -23.04 14.53
N LYS B 405 -19.29 -23.66 15.65
CA LYS B 405 -18.45 -23.53 16.85
C LYS B 405 -17.06 -24.12 16.63
N GLN B 406 -16.99 -25.24 15.92
CA GLN B 406 -15.75 -25.90 15.58
C GLN B 406 -14.89 -25.02 14.65
N PHE B 407 -15.52 -24.30 13.73
CA PHE B 407 -14.82 -23.29 12.91
C PHE B 407 -14.25 -22.19 13.81
N GLY B 408 -15.09 -21.65 14.68
CA GLY B 408 -14.74 -20.47 15.49
C GLY B 408 -14.91 -19.14 14.74
N TYR B 409 -15.57 -19.18 13.59
CA TYR B 409 -15.85 -17.99 12.78
C TYR B 409 -16.96 -18.34 11.78
N GLN B 410 -17.59 -17.30 11.24
CA GLN B 410 -18.53 -17.43 10.12
C GLN B 410 -18.39 -16.21 9.22
N GLY B 411 -18.25 -16.45 7.91
CA GLY B 411 -18.38 -15.42 6.89
C GLY B 411 -17.07 -14.88 6.36
N ALA B 412 -17.14 -14.33 5.16
CA ALA B 412 -16.03 -13.57 4.54
C ALA B 412 -16.63 -12.56 3.58
N PHE B 413 -15.80 -11.66 3.05
CA PHE B 413 -16.21 -10.83 1.93
C PHE B 413 -16.03 -11.59 0.60
N THR B 414 -16.70 -11.09 -0.43
CA THR B 414 -16.32 -11.36 -1.82
C THR B 414 -15.00 -10.64 -2.11
N LEU B 415 -14.48 -10.80 -3.33
CA LEU B 415 -13.46 -9.89 -3.82
C LEU B 415 -14.09 -8.53 -4.12
N PHE B 416 -13.24 -7.50 -4.19
CA PHE B 416 -13.67 -6.16 -4.51
C PHE B 416 -13.77 -6.07 -6.03
N ARG B 417 -14.84 -5.46 -6.51
CA ARG B 417 -15.19 -5.46 -7.92
C ARG B 417 -15.38 -4.06 -8.45
N ASP B 418 -14.69 -3.73 -9.54
CA ASP B 418 -14.99 -2.50 -10.28
C ASP B 418 -16.32 -2.68 -11.02
N LEU B 419 -17.20 -1.70 -10.86
CA LEU B 419 -18.43 -1.62 -11.64
C LEU B 419 -18.22 -0.69 -12.83
N PHE B 420 -18.89 -1.02 -13.94
CA PHE B 420 -18.81 -0.22 -15.15
C PHE B 420 -19.97 -0.63 -16.06
N VAL B 421 -20.20 0.13 -17.13
CA VAL B 421 -21.18 -0.26 -18.14
C VAL B 421 -20.50 -1.15 -19.15
N LYS B 422 -20.90 -2.43 -19.19
CA LYS B 422 -20.38 -3.36 -20.18
C LYS B 422 -21.13 -3.10 -21.50
N VAL B 423 -20.40 -2.84 -22.57
CA VAL B 423 -21.00 -2.60 -23.90
C VAL B 423 -20.47 -3.66 -24.85
N VAL B 424 -21.38 -4.35 -25.56
CA VAL B 424 -21.00 -5.35 -26.56
C VAL B 424 -21.54 -4.84 -27.90
N GLU B 425 -20.63 -4.57 -28.83
CA GLU B 425 -21.01 -4.08 -30.15
C GLU B 425 -21.13 -5.20 -31.15
N ASN B 426 -21.84 -4.92 -32.25
CA ASN B 426 -21.98 -5.85 -33.37
C ASN B 426 -22.55 -7.20 -32.96
N VAL B 427 -23.55 -7.19 -32.10
CA VAL B 427 -24.20 -8.41 -31.67
C VAL B 427 -25.17 -8.85 -32.77
N SER B 428 -25.14 -10.14 -33.08
CA SER B 428 -26.04 -10.76 -34.07
C SER B 428 -27.47 -10.83 -33.53
N PRO B 429 -28.45 -10.36 -34.32
CA PRO B 429 -29.87 -10.53 -33.95
C PRO B 429 -30.36 -11.96 -33.80
N SER B 430 -29.60 -12.94 -34.31
CA SER B 430 -29.98 -14.33 -34.15
C SER B 430 -29.53 -14.92 -32.80
N THR B 431 -28.87 -14.14 -31.95
CA THR B 431 -28.55 -14.55 -30.59
C THR B 431 -29.87 -14.98 -29.90
N PRO B 432 -29.97 -16.25 -29.47
CA PRO B 432 -31.23 -16.71 -28.88
C PRO B 432 -31.65 -15.86 -27.68
N GLY B 433 -32.93 -15.51 -27.63
CA GLY B 433 -33.52 -14.77 -26.51
C GLY B 433 -32.99 -13.37 -26.28
N LEU B 434 -32.39 -12.76 -27.30
CA LEU B 434 -31.73 -11.45 -27.15
C LEU B 434 -32.70 -10.32 -26.78
N PHE B 435 -33.94 -10.42 -27.28
CA PHE B 435 -34.94 -9.37 -27.11
C PHE B 435 -35.95 -9.62 -25.98
N GLU B 436 -35.73 -10.68 -25.18
CA GLU B 436 -36.48 -10.92 -23.94
C GLU B 436 -36.25 -9.92 -22.82
N GLN B 437 -37.23 -9.80 -21.93
CA GLN B 437 -37.13 -8.89 -20.79
C GLN B 437 -36.15 -9.49 -19.79
N ALA B 438 -34.94 -8.96 -19.73
CA ALA B 438 -33.95 -9.54 -18.88
C ALA B 438 -32.98 -8.49 -18.33
N SER B 439 -31.67 -8.71 -18.40
CA SER B 439 -30.70 -7.91 -17.64
C SER B 439 -29.77 -7.10 -18.53
N TRP B 440 -30.26 -6.68 -19.70
CA TRP B 440 -29.48 -5.89 -20.64
C TRP B 440 -30.44 -5.06 -21.49
N SER B 441 -29.93 -4.03 -22.16
CA SER B 441 -30.71 -3.34 -23.17
C SER B 441 -30.12 -3.64 -24.53
N THR B 442 -30.97 -3.51 -25.54
CA THR B 442 -30.56 -3.68 -26.92
C THR B 442 -30.89 -2.40 -27.65
N LYS B 443 -29.98 -1.99 -28.54
CA LYS B 443 -30.21 -0.88 -29.43
C LYS B 443 -29.88 -1.38 -30.82
N ASN B 444 -30.92 -1.47 -31.66
CA ASN B 444 -30.75 -1.90 -33.05
C ASN B 444 -29.97 -0.88 -33.86
N SER B 445 -29.14 -1.37 -34.77
CA SER B 445 -28.61 -0.53 -35.85
C SER B 445 -29.77 -0.04 -36.71
N THR B 446 -29.53 1.01 -37.48
CA THR B 446 -30.54 1.56 -38.39
C THR B 446 -31.15 0.47 -39.30
N ASP B 447 -30.31 -0.41 -39.83
CA ASP B 447 -30.76 -1.47 -40.76
C ASP B 447 -31.25 -2.77 -40.09
N GLY B 448 -31.22 -2.83 -38.76
CA GLY B 448 -31.71 -3.99 -38.01
C GLY B 448 -30.86 -5.25 -38.08
N MET B 449 -29.65 -5.14 -38.62
CA MET B 449 -28.76 -6.27 -38.84
C MET B 449 -27.69 -6.45 -37.76
N SER B 450 -27.56 -5.47 -36.87
CA SER B 450 -26.73 -5.63 -35.67
C SER B 450 -27.34 -4.91 -34.48
N VAL B 451 -26.88 -5.29 -33.30
CA VAL B 451 -27.41 -4.78 -32.05
C VAL B 451 -26.24 -4.38 -31.14
N THR B 452 -26.41 -3.29 -30.41
CA THR B 452 -25.49 -2.92 -29.33
C THR B 452 -26.15 -3.33 -28.02
N VAL B 453 -25.47 -4.18 -27.24
CA VAL B 453 -25.95 -4.64 -25.96
C VAL B 453 -25.25 -3.85 -24.84
N THR B 454 -26.04 -3.41 -23.85
CA THR B 454 -25.51 -2.71 -22.68
C THR B 454 -25.99 -3.41 -21.43
N THR B 455 -25.11 -3.59 -20.45
CA THR B 455 -25.47 -4.21 -19.18
C THR B 455 -24.49 -3.75 -18.08
N LEU B 456 -24.71 -4.24 -16.86
CA LEU B 456 -23.77 -3.95 -15.76
C LEU B 456 -22.55 -4.85 -15.89
N GLY B 457 -21.37 -4.24 -15.93
CA GLY B 457 -20.12 -4.97 -15.90
C GLY B 457 -19.59 -5.05 -14.48
N GLN B 458 -18.96 -6.18 -14.15
CA GLN B 458 -18.23 -6.37 -12.89
C GLN B 458 -16.94 -7.12 -13.17
N ARG B 459 -15.84 -6.62 -12.61
CA ARG B 459 -14.55 -7.33 -12.71
C ARG B 459 -13.77 -7.09 -11.43
N VAL B 460 -12.94 -8.05 -11.08
CA VAL B 460 -12.13 -7.97 -9.86
C VAL B 460 -11.18 -6.80 -10.03
N VAL B 461 -11.03 -6.00 -8.98
CA VAL B 461 -10.16 -4.83 -9.06
C VAL B 461 -8.75 -5.25 -9.50
N PRO B 462 -8.14 -4.46 -10.40
CA PRO B 462 -6.85 -4.89 -10.97
C PRO B 462 -5.72 -5.00 -9.94
N GLU B 463 -5.81 -4.24 -8.85
CA GLU B 463 -4.82 -4.33 -7.78
C GLU B 463 -4.74 -5.76 -7.21
N THR B 464 -5.90 -6.39 -7.06
CA THR B 464 -5.97 -7.75 -6.52
C THR B 464 -5.45 -8.77 -7.53
N LEU B 465 -5.84 -8.63 -8.79
CA LEU B 465 -5.35 -9.53 -9.82
C LEU B 465 -3.83 -9.45 -9.97
N ALA B 466 -3.29 -8.22 -9.97
CA ALA B 466 -1.83 -8.03 -10.07
C ALA B 466 -1.09 -8.63 -8.87
N ALA B 467 -1.60 -8.38 -7.66
CA ALA B 467 -1.00 -8.93 -6.46
C ALA B 467 -1.06 -10.45 -6.41
N TYR B 468 -2.22 -11.01 -6.75
CA TYR B 468 -2.39 -12.46 -6.84
C TYR B 468 -1.40 -13.11 -7.81
N LYS B 469 -1.35 -12.58 -9.02
CA LYS B 469 -0.46 -13.12 -10.06
C LYS B 469 1.01 -13.04 -9.64
N GLY B 470 1.42 -11.86 -9.17
CA GLY B 470 2.80 -11.63 -8.75
C GLY B 470 3.31 -12.48 -7.59
N ASN B 471 2.41 -12.85 -6.68
CA ASN B 471 2.75 -13.69 -5.53
C ASN B 471 2.55 -15.19 -5.77
N SER B 472 1.92 -15.55 -6.88
CA SER B 472 1.61 -16.95 -7.19
C SER B 472 2.69 -17.60 -8.06
N THR B 473 2.72 -18.93 -8.04
CA THR B 473 3.41 -19.70 -9.08
C THR B 473 2.45 -19.79 -10.26
N VAL B 474 2.81 -19.16 -11.37
CA VAL B 474 1.95 -19.05 -12.53
C VAL B 474 2.31 -20.14 -13.55
N SER B 475 1.32 -20.92 -13.96
CA SER B 475 1.49 -21.92 -15.02
C SER B 475 0.57 -21.58 -16.18
N THR B 476 1.17 -21.26 -17.32
CA THR B 476 0.43 -21.04 -18.55
C THR B 476 0.30 -22.41 -19.22
N LEU B 477 -0.93 -22.82 -19.48
CA LEU B 477 -1.22 -24.17 -19.95
C LEU B 477 -1.51 -24.17 -21.45
N ALA B 478 -1.18 -25.28 -22.10
CA ALA B 478 -1.36 -25.40 -23.55
C ALA B 478 -2.85 -25.45 -23.88
N PRO B 479 -3.26 -24.82 -25.00
CA PRO B 479 -4.67 -24.90 -25.39
C PRO B 479 -5.07 -26.32 -25.76
N VAL B 480 -6.36 -26.63 -25.63
CA VAL B 480 -6.88 -27.99 -25.80
C VAL B 480 -8.17 -27.92 -26.61
N MET B 481 -8.35 -28.88 -27.51
CA MET B 481 -9.64 -29.12 -28.15
C MET B 481 -10.29 -30.29 -27.43
N LEU B 482 -11.49 -30.06 -26.90
CA LEU B 482 -12.27 -31.12 -26.27
C LEU B 482 -13.15 -31.72 -27.35
N ASN B 483 -12.86 -32.97 -27.72
CA ASN B 483 -13.52 -33.65 -28.83
C ASN B 483 -13.87 -35.08 -28.39
N GLU B 484 -13.96 -36.03 -29.35
CA GLU B 484 -14.28 -37.42 -29.04
C GLU B 484 -13.29 -38.09 -28.08
N SER B 485 -12.04 -37.64 -28.07
CA SER B 485 -11.02 -38.22 -27.19
C SER B 485 -11.00 -37.63 -25.77
N ALA B 486 -11.80 -36.60 -25.49
CA ALA B 486 -11.76 -35.93 -24.18
C ALA B 486 -12.33 -36.83 -23.09
N ALA B 487 -11.59 -36.97 -21.99
CA ALA B 487 -12.11 -37.62 -20.79
C ALA B 487 -13.14 -36.69 -20.14
N ALA B 488 -13.98 -37.24 -19.26
CA ALA B 488 -14.94 -36.43 -18.50
C ALA B 488 -14.22 -35.35 -17.68
N TYR B 489 -13.12 -35.76 -17.06
CA TYR B 489 -12.26 -34.86 -16.28
C TYR B 489 -10.80 -35.03 -16.72
N THR B 490 -10.16 -33.91 -17.06
CA THR B 490 -8.76 -33.88 -17.46
C THR B 490 -7.99 -32.94 -16.52
N PRO B 491 -7.19 -33.50 -15.58
CA PRO B 491 -6.38 -32.64 -14.70
C PRO B 491 -5.44 -31.73 -15.47
N PHE B 492 -5.24 -30.50 -15.00
CA PHE B 492 -4.26 -29.61 -15.61
C PHE B 492 -2.87 -30.22 -15.48
N SER B 493 -2.00 -29.91 -16.46
CA SER B 493 -0.62 -30.41 -16.46
C SER B 493 0.19 -29.94 -15.25
N SER B 494 -0.16 -28.77 -14.70
CA SER B 494 0.34 -28.30 -13.42
C SER B 494 -0.81 -28.26 -12.42
N GLN B 495 -0.55 -28.66 -11.18
CA GLN B 495 -1.58 -28.76 -10.16
C GLN B 495 -1.38 -27.74 -9.04
N PRO B 496 -2.48 -27.31 -8.38
CA PRO B 496 -2.34 -26.51 -7.17
C PRO B 496 -1.61 -27.26 -6.05
N THR B 497 -1.06 -26.53 -5.08
CA THR B 497 -0.39 -27.14 -3.93
C THR B 497 -1.20 -27.01 -2.63
N ASP B 498 -2.33 -26.30 -2.69
CA ASP B 498 -3.15 -26.03 -1.50
C ASP B 498 -4.50 -25.48 -1.99
N ARG B 499 -5.33 -24.97 -1.08
CA ARG B 499 -6.68 -24.48 -1.42
C ARG B 499 -6.74 -22.99 -1.74
N PHE B 500 -5.65 -22.44 -2.29
CA PHE B 500 -5.55 -21.01 -2.58
C PHE B 500 -4.99 -20.85 -3.98
N TYR B 501 -5.91 -20.69 -4.92
CA TYR B 501 -5.53 -20.57 -6.32
C TYR B 501 -6.60 -19.95 -7.19
N ALA B 502 -6.18 -19.55 -8.40
CA ALA B 502 -7.07 -19.01 -9.39
C ALA B 502 -6.79 -19.67 -10.73
N LEU B 503 -7.83 -19.75 -11.54
CA LEU B 503 -7.72 -20.31 -12.88
C LEU B 503 -8.60 -19.53 -13.83
N THR B 504 -8.18 -19.48 -15.09
CA THR B 504 -8.97 -18.85 -16.12
C THR B 504 -8.86 -19.64 -17.42
N GLY B 505 -9.86 -19.46 -18.26
CA GLY B 505 -9.91 -20.14 -19.56
C GLY B 505 -10.96 -19.51 -20.44
N SER B 506 -10.75 -19.62 -21.75
CA SER B 506 -11.67 -19.13 -22.75
C SER B 506 -12.22 -20.37 -23.47
N PHE B 507 -13.53 -20.59 -23.36
CA PHE B 507 -14.19 -21.77 -23.90
C PHE B 507 -14.96 -21.34 -25.15
N GLU B 508 -14.56 -21.87 -26.31
CA GLU B 508 -15.18 -21.53 -27.59
C GLU B 508 -16.11 -22.66 -28.02
N PHE B 509 -17.38 -22.33 -28.21
CA PHE B 509 -18.42 -23.30 -28.52
C PHE B 509 -18.98 -23.03 -29.91
N GLY B 510 -19.40 -24.10 -30.60
CA GLY B 510 -20.21 -23.95 -31.81
C GLY B 510 -21.54 -23.30 -31.47
N LEU B 511 -22.10 -22.57 -32.43
CA LEU B 511 -23.35 -21.86 -32.21
C LEU B 511 -24.56 -22.75 -31.90
N ASN B 512 -24.53 -24.00 -32.36
CA ASN B 512 -25.60 -24.97 -32.07
C ASN B 512 -25.10 -26.14 -31.22
N THR B 513 -24.09 -25.89 -30.38
CA THR B 513 -23.52 -26.94 -29.53
C THR B 513 -24.56 -27.49 -28.56
N THR B 514 -24.43 -28.77 -28.21
CA THR B 514 -25.10 -29.34 -27.04
C THR B 514 -24.06 -29.89 -26.06
N ALA B 515 -22.79 -29.53 -26.25
CA ALA B 515 -21.71 -29.96 -25.36
C ALA B 515 -21.69 -29.08 -24.11
N LYS B 516 -21.14 -29.61 -23.03
CA LYS B 516 -20.92 -28.86 -21.79
C LYS B 516 -19.44 -28.91 -21.49
N ALA B 517 -18.92 -27.84 -20.89
CA ALA B 517 -17.54 -27.83 -20.44
C ALA B 517 -17.36 -26.88 -19.27
N GLY B 518 -16.24 -27.03 -18.58
CA GLY B 518 -15.94 -26.15 -17.45
C GLY B 518 -14.72 -26.57 -16.67
N PHE B 519 -14.75 -26.33 -15.36
CA PHE B 519 -13.63 -26.59 -14.49
C PHE B 519 -14.06 -27.43 -13.29
N ARG B 520 -13.27 -28.43 -12.94
CA ARG B 520 -13.38 -29.12 -11.67
C ARG B 520 -12.32 -28.53 -10.73
N VAL B 521 -12.70 -28.24 -9.49
CA VAL B 521 -11.78 -27.69 -8.50
C VAL B 521 -11.90 -28.41 -7.16
N LEU B 522 -10.93 -28.15 -6.28
CA LEU B 522 -10.85 -28.78 -4.95
C LEU B 522 -11.06 -30.30 -5.05
N ALA B 523 -10.28 -30.91 -5.93
CA ALA B 523 -10.55 -32.28 -6.41
C ALA B 523 -9.49 -33.30 -5.99
N SER B 524 -9.98 -34.39 -5.42
CA SER B 524 -9.24 -35.65 -5.32
C SER B 524 -10.14 -36.69 -5.99
N GLU B 525 -9.79 -37.97 -5.88
CA GLU B 525 -10.65 -39.04 -6.38
C GLU B 525 -12.02 -39.04 -5.70
N GLU B 526 -12.05 -38.76 -4.40
CA GLU B 526 -13.26 -38.91 -3.60
C GLU B 526 -14.06 -37.63 -3.35
N GLU B 527 -13.44 -36.45 -3.49
CA GLU B 527 -14.13 -35.17 -3.31
C GLU B 527 -13.77 -34.25 -4.45
N TYR B 528 -14.75 -33.52 -4.96
CA TYR B 528 -14.53 -32.55 -6.03
C TYR B 528 -15.76 -31.68 -6.21
N THR B 529 -15.55 -30.50 -6.80
CA THR B 529 -16.61 -29.54 -7.10
C THR B 529 -16.56 -29.22 -8.58
N ASP B 530 -17.69 -29.37 -9.26
CA ASP B 530 -17.76 -29.23 -10.72
C ASP B 530 -18.48 -27.98 -11.15
N ILE B 531 -17.79 -27.16 -11.94
CA ILE B 531 -18.32 -25.91 -12.46
C ILE B 531 -18.55 -26.11 -13.96
N TRP B 532 -19.82 -26.17 -14.37
CA TRP B 532 -20.20 -26.48 -15.76
C TRP B 532 -20.84 -25.29 -16.42
N PHE B 533 -20.56 -25.08 -17.71
CA PHE B 533 -21.44 -24.25 -18.51
C PHE B 533 -22.06 -25.10 -19.62
N ASP B 534 -23.36 -24.90 -19.82
CA ASP B 534 -24.18 -25.65 -20.77
C ASP B 534 -24.83 -24.63 -21.69
N PRO B 535 -24.15 -24.27 -22.81
CA PRO B 535 -24.67 -23.23 -23.69
C PRO B 535 -26.11 -23.45 -24.19
N ALA B 536 -26.50 -24.70 -24.42
CA ALA B 536 -27.87 -25.00 -24.89
C ALA B 536 -28.97 -24.53 -23.92
N SER B 537 -28.73 -24.67 -22.62
CA SER B 537 -29.65 -24.18 -21.58
C SER B 537 -29.33 -22.78 -21.04
N GLU B 538 -28.12 -22.28 -21.34
CA GLU B 538 -27.61 -20.97 -20.87
C GLU B 538 -27.36 -20.98 -19.37
N ASN B 539 -27.08 -22.15 -18.82
CA ASN B 539 -26.91 -22.32 -17.39
C ASN B 539 -25.46 -22.59 -17.03
N LEU B 540 -24.95 -21.78 -16.11
CA LEU B 540 -23.68 -22.02 -15.43
C LEU B 540 -24.05 -22.66 -14.11
N THR B 541 -23.55 -23.85 -13.84
CA THR B 541 -23.88 -24.55 -12.61
C THR B 541 -22.64 -24.91 -11.82
N VAL B 542 -22.82 -25.02 -10.50
CA VAL B 542 -21.80 -25.59 -9.63
C VAL B 542 -22.43 -26.77 -8.92
N VAL B 543 -21.97 -27.97 -9.29
CA VAL B 543 -22.51 -29.20 -8.74
C VAL B 543 -21.63 -29.60 -7.57
N ARG B 544 -22.27 -29.75 -6.41
CA ARG B 544 -21.59 -29.93 -5.15
C ARG B 544 -21.98 -31.22 -4.42
N THR B 545 -22.56 -32.16 -5.16
CA THR B 545 -22.94 -33.45 -4.60
C THR B 545 -21.75 -34.25 -4.06
N ALA B 546 -20.55 -34.04 -4.63
CA ALA B 546 -19.34 -34.67 -4.15
C ALA B 546 -18.33 -33.69 -3.53
N SER B 547 -18.75 -32.45 -3.25
CA SER B 547 -17.80 -31.43 -2.73
C SER B 547 -17.09 -31.86 -1.44
N SER B 548 -17.81 -32.55 -0.56
CA SER B 548 -17.24 -32.99 0.70
C SER B 548 -17.80 -34.32 1.21
N LEU B 549 -16.94 -35.10 1.84
CA LEU B 549 -17.35 -36.27 2.62
C LEU B 549 -18.12 -35.89 3.89
N ILE B 550 -17.98 -34.63 4.34
CA ILE B 550 -18.72 -34.14 5.50
C ILE B 550 -20.14 -33.78 5.05
N LYS B 551 -21.14 -34.52 5.55
CA LYS B 551 -22.51 -34.44 5.00
C LYS B 551 -23.37 -33.30 5.53
N SER B 552 -22.94 -32.63 6.59
CA SER B 552 -23.72 -31.54 7.17
C SER B 552 -23.65 -30.22 6.39
N PHE B 553 -22.65 -30.05 5.52
CA PHE B 553 -22.57 -28.84 4.69
C PHE B 553 -23.55 -28.92 3.52
N GLY B 554 -23.98 -27.77 3.01
CA GLY B 554 -24.88 -27.73 1.86
C GLY B 554 -24.28 -28.38 0.63
N ASN B 555 -25.12 -29.05 -0.15
CA ASN B 555 -24.67 -29.71 -1.38
C ASN B 555 -25.57 -29.45 -2.58
N ASP B 556 -26.41 -28.40 -2.49
CA ASP B 556 -27.31 -28.05 -3.59
C ASP B 556 -26.54 -27.42 -4.74
N THR B 557 -27.08 -27.59 -5.94
CA THR B 557 -26.46 -27.10 -7.16
C THR B 557 -26.70 -25.61 -7.30
N GLU B 558 -25.62 -24.86 -7.49
CA GLU B 558 -25.72 -23.42 -7.75
C GLU B 558 -26.03 -23.25 -9.22
N LEU B 559 -26.73 -22.17 -9.55
CA LEU B 559 -27.10 -21.87 -10.93
C LEU B 559 -27.08 -20.38 -11.22
N ALA B 560 -26.42 -20.01 -12.32
CA ALA B 560 -26.50 -18.69 -12.90
C ALA B 560 -26.89 -18.79 -14.37
N LYS B 561 -27.64 -17.81 -14.85
CA LYS B 561 -27.89 -17.66 -16.28
C LYS B 561 -26.76 -16.84 -16.88
N VAL B 562 -26.27 -17.26 -18.05
CA VAL B 562 -25.24 -16.48 -18.78
C VAL B 562 -25.65 -16.38 -20.24
N LYS B 563 -25.75 -15.15 -20.73
CA LYS B 563 -26.06 -14.91 -22.12
C LYS B 563 -24.76 -14.74 -22.91
N LEU B 564 -24.50 -15.66 -23.83
CA LEU B 564 -23.40 -15.50 -24.76
C LEU B 564 -23.89 -14.69 -25.95
N TYR B 565 -23.52 -13.40 -25.99
CA TYR B 565 -23.93 -12.52 -27.06
C TYR B 565 -23.10 -12.88 -28.29
N GLU B 566 -23.78 -13.38 -29.32
CA GLU B 566 -23.11 -13.85 -30.52
C GLU B 566 -22.79 -12.66 -31.41
N ILE B 567 -21.59 -12.65 -31.96
CA ILE B 567 -21.10 -11.50 -32.73
C ILE B 567 -21.37 -11.72 -34.22
N VAL B 568 -21.77 -10.65 -34.91
CA VAL B 568 -22.08 -10.72 -36.35
C VAL B 568 -20.86 -11.29 -37.08
N GLY B 569 -21.08 -12.34 -37.88
CA GLY B 569 -20.00 -12.97 -38.65
C GLY B 569 -19.24 -14.07 -37.94
N ALA B 570 -19.43 -14.23 -36.63
CA ALA B 570 -18.74 -15.29 -35.89
C ALA B 570 -19.45 -16.62 -36.15
N GLU B 571 -18.67 -17.69 -36.19
CA GLU B 571 -19.20 -19.05 -36.30
C GLU B 571 -19.01 -19.80 -34.98
N SER B 572 -18.86 -19.05 -33.88
CA SER B 572 -18.72 -19.62 -32.55
C SER B 572 -19.15 -18.60 -31.52
N LYS B 573 -19.26 -19.05 -30.27
CA LYS B 573 -19.58 -18.18 -29.14
C LYS B 573 -18.66 -18.56 -27.97
N THR B 574 -18.22 -17.56 -27.21
CA THR B 574 -17.13 -17.75 -26.25
C THR B 574 -17.54 -17.39 -24.81
N LEU B 575 -17.16 -18.27 -23.88
CA LEU B 575 -17.29 -18.03 -22.45
C LEU B 575 -15.89 -17.87 -21.86
N ASN B 576 -15.62 -16.70 -21.29
CA ASN B 576 -14.41 -16.46 -20.53
C ASN B 576 -14.74 -16.68 -19.06
N LEU B 577 -14.15 -17.71 -18.47
CA LEU B 577 -14.52 -18.17 -17.15
C LEU B 577 -13.31 -18.09 -16.24
N THR B 578 -13.46 -17.39 -15.12
CA THR B 578 -12.40 -17.25 -14.13
C THR B 578 -12.91 -17.75 -12.78
N VAL B 579 -12.09 -18.52 -12.07
CA VAL B 579 -12.46 -19.10 -10.78
C VAL B 579 -11.38 -18.80 -9.75
N PHE B 580 -11.80 -18.29 -8.59
CA PHE B 580 -10.93 -18.13 -7.43
C PHE B 580 -11.32 -19.15 -6.37
N VAL B 581 -10.33 -19.89 -5.89
CA VAL B 581 -10.50 -20.91 -4.85
C VAL B 581 -9.69 -20.41 -3.66
N ASP B 582 -10.35 -20.22 -2.53
CA ASP B 582 -9.74 -19.56 -1.38
C ASP B 582 -10.29 -20.17 -0.10
N GLY B 583 -9.63 -21.24 0.36
CA GLY B 583 -10.11 -22.01 1.49
C GLY B 583 -11.33 -22.78 1.09
N SER B 584 -12.49 -22.33 1.55
CA SER B 584 -13.78 -22.89 1.18
C SER B 584 -14.54 -22.05 0.15
N VAL B 585 -14.07 -20.83 -0.13
CA VAL B 585 -14.75 -19.98 -1.11
C VAL B 585 -14.39 -20.42 -2.52
N ILE B 586 -15.42 -20.54 -3.35
CA ILE B 586 -15.26 -20.66 -4.79
C ILE B 586 -16.01 -19.48 -5.38
N GLU B 587 -15.29 -18.58 -6.05
CA GLU B 587 -15.86 -17.36 -6.57
C GLU B 587 -15.61 -17.29 -8.07
N ILE B 588 -16.69 -17.27 -8.84
CA ILE B 588 -16.66 -17.50 -10.27
C ILE B 588 -17.09 -16.24 -10.98
N TYR B 589 -16.34 -15.86 -12.02
CA TYR B 589 -16.67 -14.72 -12.87
C TYR B 589 -16.74 -15.17 -14.33
N ALA B 590 -17.79 -14.75 -15.03
CA ALA B 590 -17.93 -15.04 -16.46
C ALA B 590 -18.14 -13.77 -17.26
N ASN B 591 -17.29 -13.56 -18.25
CA ASN B 591 -17.43 -12.46 -19.22
C ASN B 591 -17.54 -11.05 -18.60
N ASP B 592 -16.87 -10.85 -17.46
CA ASP B 592 -16.94 -9.58 -16.73
C ASP B 592 -18.37 -9.11 -16.50
N GLU B 593 -19.24 -10.07 -16.21
CA GLU B 593 -20.68 -9.82 -16.15
C GLU B 593 -21.37 -10.67 -15.09
N VAL B 594 -21.17 -11.98 -15.13
CA VAL B 594 -21.83 -12.90 -14.23
C VAL B 594 -20.89 -13.30 -13.10
N ALA B 595 -21.37 -13.22 -11.86
CA ALA B 595 -20.61 -13.63 -10.69
C ALA B 595 -21.40 -14.66 -9.90
N LEU B 596 -20.70 -15.67 -9.39
CA LEU B 596 -21.31 -16.70 -8.55
C LEU B 596 -20.34 -17.12 -7.47
N SER B 597 -20.70 -16.83 -6.21
CA SER B 597 -19.88 -17.19 -5.05
C SER B 597 -20.51 -18.38 -4.35
N THR B 598 -19.71 -19.37 -4.00
CA THR B 598 -20.23 -20.51 -3.25
C THR B 598 -19.19 -21.08 -2.30
N ARG B 599 -19.55 -22.19 -1.67
CA ARG B 599 -18.72 -22.82 -0.64
C ARG B 599 -18.55 -24.31 -0.89
N ALA B 600 -17.35 -24.81 -0.63
CA ALA B 600 -17.07 -26.25 -0.65
C ALA B 600 -16.10 -26.56 0.47
N TYR B 601 -16.38 -27.61 1.23
CA TYR B 601 -15.59 -27.95 2.41
C TYR B 601 -15.05 -29.40 2.38
N PRO B 602 -14.28 -29.77 1.34
CA PRO B 602 -13.71 -31.13 1.34
C PRO B 602 -12.82 -31.38 2.56
N TRP B 603 -12.92 -32.59 3.11
CA TRP B 603 -12.13 -32.98 4.27
C TRP B 603 -10.68 -33.35 3.93
N LEU B 604 -10.48 -34.08 2.85
CA LEU B 604 -9.17 -34.68 2.58
C LEU B 604 -8.14 -33.63 2.19
N ALA B 605 -6.93 -33.78 2.73
CA ALA B 605 -5.83 -32.86 2.48
C ALA B 605 -5.46 -32.76 1.00
N ASN B 606 -5.64 -33.84 0.25
CA ASN B 606 -5.31 -33.84 -1.19
C ASN B 606 -6.47 -33.45 -2.11
N SER B 607 -7.60 -33.00 -1.56
CA SER B 607 -8.72 -32.51 -2.38
C SER B 607 -8.49 -31.05 -2.78
N THR B 608 -7.42 -30.85 -3.53
CA THR B 608 -6.98 -29.53 -4.00
C THR B 608 -6.81 -29.42 -5.51
N GLY B 609 -6.94 -30.54 -6.23
CA GLY B 609 -6.63 -30.56 -7.66
C GLY B 609 -7.65 -29.82 -8.51
N ALA B 610 -7.26 -29.58 -9.76
CA ALA B 610 -8.12 -28.90 -10.71
C ALA B 610 -7.84 -29.32 -12.15
N GLY B 611 -8.85 -29.14 -13.00
CA GLY B 611 -8.72 -29.45 -14.41
C GLY B 611 -9.99 -29.14 -15.19
N LEU B 612 -10.03 -29.65 -16.42
CA LEU B 612 -11.12 -29.37 -17.36
C LEU B 612 -12.20 -30.43 -17.30
N LEU B 613 -13.44 -29.97 -17.44
CA LEU B 613 -14.61 -30.83 -17.51
C LEU B 613 -15.15 -30.80 -18.94
N ALA B 614 -15.61 -31.96 -19.42
CA ALA B 614 -16.16 -32.09 -20.77
C ALA B 614 -17.30 -33.09 -20.74
N ASP B 615 -18.40 -32.73 -21.37
CA ASP B 615 -19.54 -33.65 -21.52
C ASP B 615 -20.17 -33.48 -22.90
N GLY B 616 -20.37 -34.60 -23.59
CA GLY B 616 -20.95 -34.58 -24.93
C GLY B 616 -20.09 -33.93 -25.99
N THR B 617 -18.77 -33.89 -25.79
CA THR B 617 -17.86 -33.42 -26.83
C THR B 617 -17.54 -34.58 -27.76
N THR B 618 -17.57 -34.29 -29.06
CA THR B 618 -17.39 -35.30 -30.10
C THR B 618 -16.46 -34.77 -31.18
N ALA B 619 -16.22 -35.57 -32.22
CA ALA B 619 -15.49 -35.09 -33.41
C ALA B 619 -16.19 -33.93 -34.10
N GLY B 620 -17.53 -33.91 -34.05
CA GLY B 620 -18.34 -32.84 -34.67
C GLY B 620 -18.74 -31.71 -33.75
N ASP B 621 -18.86 -31.97 -32.44
CA ASP B 621 -19.23 -30.94 -31.46
C ASP B 621 -18.04 -30.71 -30.54
N VAL B 622 -17.16 -29.80 -30.96
CA VAL B 622 -15.86 -29.57 -30.34
C VAL B 622 -15.90 -28.30 -29.48
N VAL B 623 -15.31 -28.36 -28.29
CA VAL B 623 -15.11 -27.15 -27.47
C VAL B 623 -13.62 -26.83 -27.46
N GLY B 624 -13.28 -25.64 -27.95
CA GLY B 624 -11.90 -25.15 -27.93
C GLY B 624 -11.65 -24.41 -26.64
N VAL B 625 -10.59 -24.78 -25.93
CA VAL B 625 -10.23 -24.12 -24.68
C VAL B 625 -8.84 -23.52 -24.85
N SER B 626 -8.74 -22.20 -24.64
CA SER B 626 -7.50 -21.47 -24.78
C SER B 626 -7.37 -20.43 -23.65
N GLY B 627 -6.22 -19.75 -23.62
CA GLY B 627 -5.94 -18.76 -22.58
C GLY B 627 -5.97 -19.36 -21.18
N LEU B 628 -5.58 -20.63 -21.07
CA LEU B 628 -5.61 -21.35 -19.79
C LEU B 628 -4.42 -20.96 -18.93
N GLU B 629 -4.71 -20.63 -17.68
CA GLU B 629 -3.67 -20.23 -16.75
C GLU B 629 -4.08 -20.55 -15.32
N LEU B 630 -3.12 -21.07 -14.55
CA LEU B 630 -3.30 -21.37 -13.13
C LEU B 630 -2.37 -20.45 -12.34
N TRP B 631 -2.92 -19.80 -11.31
CA TRP B 631 -2.12 -19.07 -10.33
C TRP B 631 -2.21 -19.84 -9.01
N ASP B 632 -1.09 -20.45 -8.59
CA ASP B 632 -1.06 -21.19 -7.34
C ASP B 632 -0.48 -20.35 -6.20
N GLY B 633 -1.29 -20.12 -5.17
CA GLY B 633 -0.83 -19.48 -3.92
C GLY B 633 -1.60 -18.23 -3.54
N LEU B 634 -1.90 -17.38 -4.54
CA LEU B 634 -2.51 -16.07 -4.32
C LEU B 634 -1.66 -15.23 -3.33
N VAL B 635 -2.31 -14.51 -2.41
CA VAL B 635 -1.64 -13.57 -1.49
C VAL B 635 -2.17 -13.86 -0.08
N ASP B 636 -1.29 -13.74 0.91
CA ASP B 636 -1.70 -13.68 2.30
C ASP B 636 -2.31 -12.30 2.56
N ALA B 637 -3.64 -12.22 2.61
CA ALA B 637 -4.34 -10.94 2.73
C ALA B 637 -4.18 -10.26 4.11
N TRP B 638 -3.77 -11.00 5.14
CA TRP B 638 -3.64 -10.47 6.50
C TRP B 638 -2.27 -10.80 7.07
N PRO B 639 -1.22 -10.16 6.52
CA PRO B 639 0.15 -10.53 6.86
C PRO B 639 0.51 -10.41 8.34
N ALA B 640 -0.13 -9.49 9.07
CA ALA B 640 0.18 -9.32 10.49
C ALA B 640 -0.53 -10.35 11.38
N ARG B 641 -1.55 -11.04 10.86
CA ARG B 641 -2.29 -12.01 11.65
C ARG B 641 -1.56 -13.34 11.68
N PRO B 642 -1.48 -13.98 12.86
CA PRO B 642 -1.06 -15.39 12.86
C PRO B 642 -2.11 -16.30 12.20
N ALA B 643 -1.77 -17.56 11.99
CA ALA B 643 -2.69 -18.51 11.34
C ALA B 643 -3.98 -18.69 12.12
N ASN B 644 -3.87 -18.76 13.45
CA ASN B 644 -5.02 -18.90 14.34
C ASN B 644 -5.24 -17.63 15.14
N THR B 645 -6.22 -16.83 14.73
CA THR B 645 -6.63 -15.62 15.45
C THR B 645 -7.89 -15.81 16.30
N SER B 646 -8.29 -17.06 16.57
CA SER B 646 -9.37 -17.31 17.52
C SER B 646 -9.01 -16.75 18.88
N GLN B 647 -10.00 -16.19 19.58
CA GLN B 647 -9.88 -15.82 20.97
C GLN B 647 -10.85 -16.65 21.82
N GLY B 648 -11.29 -17.79 21.29
CA GLY B 648 -12.31 -18.60 21.95
C GLY B 648 -13.70 -18.06 21.71
N LEU B 649 -14.70 -18.82 22.16
CA LEU B 649 -16.08 -18.46 22.00
C LEU B 649 -16.74 -18.36 23.35
N VAL B 650 -17.76 -17.52 23.45
CA VAL B 650 -18.46 -17.30 24.71
C VAL B 650 -19.97 -17.44 24.54
N TRP B 651 -20.63 -17.70 25.67
CA TRP B 651 -22.07 -17.74 25.72
C TRP B 651 -22.57 -16.56 26.52
N ASP B 652 -23.61 -15.90 26.03
CA ASP B 652 -24.22 -14.75 26.71
C ASP B 652 -24.98 -15.13 28.00
N GLY B 653 -25.30 -16.41 28.14
CA GLY B 653 -25.97 -16.91 29.33
C GLY B 653 -27.48 -16.89 29.19
N PRO B 654 -28.20 -17.26 30.27
CA PRO B 654 -29.66 -17.38 30.20
C PRO B 654 -30.41 -16.09 29.84
N THR B 655 -29.81 -14.92 30.07
CA THR B 655 -30.49 -13.66 29.72
C THR B 655 -30.68 -13.47 28.21
N ALA B 656 -29.89 -14.15 27.37
CA ALA B 656 -30.05 -13.99 25.92
C ALA B 656 -31.46 -14.34 25.49
N ALA B 657 -31.98 -15.46 25.99
CA ALA B 657 -33.35 -15.90 25.71
C ALA B 657 -34.40 -15.00 26.36
N MET B 658 -34.09 -14.43 27.54
CA MET B 658 -34.99 -13.49 28.20
C MET B 658 -35.16 -12.21 27.39
N TYR B 659 -34.06 -11.65 26.89
CA TYR B 659 -34.12 -10.42 26.09
C TYR B 659 -34.70 -10.72 24.71
N GLY B 660 -34.42 -11.90 24.17
CA GLY B 660 -34.99 -12.36 22.90
C GLY B 660 -34.45 -11.68 21.65
N LEU B 661 -33.29 -11.02 21.77
CA LEU B 661 -32.74 -10.23 20.67
C LEU B 661 -31.68 -10.96 19.87
N PHE B 662 -30.83 -11.72 20.56
CA PHE B 662 -29.69 -12.40 19.98
C PHE B 662 -29.71 -13.87 20.39
N ALA B 663 -29.22 -14.75 19.52
CA ALA B 663 -29.12 -16.17 19.87
C ALA B 663 -28.33 -16.37 21.17
N GLY B 664 -27.25 -15.62 21.34
CA GLY B 664 -26.45 -15.65 22.55
C GLY B 664 -25.13 -16.40 22.43
N TYR B 665 -24.86 -16.96 21.24
CA TYR B 665 -23.63 -17.71 21.00
C TYR B 665 -23.13 -17.45 19.60
#